data_2H7V
#
_entry.id   2H7V
#
_cell.length_a   66.398
_cell.length_b   75.519
_cell.length_c   99.772
_cell.angle_alpha   92.08
_cell.angle_beta   103.38
_cell.angle_gamma   115.79
#
_symmetry.space_group_name_H-M   'P 1'
#
loop_
_entity.id
_entity.type
_entity.pdbx_description
1 polymer 'Migration-inducing protein 5'
2 polymer 'Protein kinase ypkA'
3 non-polymer 'MAGNESIUM ION'
4 non-polymer "GUANOSINE-5'-DIPHOSPHATE"
5 water water
#
loop_
_entity_poly.entity_id
_entity_poly.type
_entity_poly.pdbx_seq_one_letter_code
_entity_poly.pdbx_strand_id
1 'polypeptide(L)'
;GSKLMQAIKCVVVGDGAVGKTCLLISYTTNAFPGEYIPTVFDNYSANVMVDGKPVNLGLWDTAGQEDYDRLRPLSYPQTD
VSLICFSLVSPASFENVRAKWYPEVRHHCPNTPIILVGTKLDLRDDKDTIEKLKEKKLTPITYPQGLAMAKEIGAVKYLE
CSALTQRGLKTVFDEAIRAVLCPPPVKK
;
A,B
2 'polypeptide(L)'
;GPVDSTDVRRITPKKLRELSDLLRTHLSSAATKQLDMGGVLSDLDTMLVALDKAEREGGVDKDQLKSFNSLILKTYRVIE
DYVKGREGDTKNSSTEVSPYHRSNFMLSIVEPSLQRIQKHLDQTHSFSDIGSLVRAHKHLETLLEVLVTLSQQGQPVSSE
TYGFLNRLAEAKITLSQQLNTLQQQQESAKAQLSILINRSGSWADVARQSLQRFDSTRPVVKFGTEQYTAIHRQMMAAHA
AITLQEVSEFTDDMRNFTVDSIPLLIQLGRSSLMDEHLVEQREKLRELTTIAERLNRLEREWM
;
C,D
#
# COMPACT_ATOMS: atom_id res chain seq x y z
N GLY A 1 -43.29 44.56 6.99
CA GLY A 1 -43.63 43.47 7.93
C GLY A 1 -42.95 42.26 7.37
N SER A 2 -43.38 41.09 7.81
CA SER A 2 -42.81 39.87 7.37
C SER A 2 -43.91 38.90 7.01
N LYS A 3 -43.57 37.85 6.27
CA LYS A 3 -44.49 36.80 5.92
C LYS A 3 -43.71 35.49 5.97
N LEU A 4 -44.40 34.38 6.16
CA LEU A 4 -43.73 33.11 6.08
C LEU A 4 -43.46 32.69 4.66
N MET A 5 -42.40 31.91 4.48
CA MET A 5 -42.22 31.15 3.27
C MET A 5 -41.65 29.79 3.58
N GLN A 6 -41.85 28.87 2.64
CA GLN A 6 -41.32 27.53 2.75
C GLN A 6 -39.80 27.56 2.82
N ALA A 7 -39.21 26.89 3.81
CA ALA A 7 -37.77 26.63 3.82
C ALA A 7 -37.49 25.14 3.74
N ILE A 8 -36.77 24.72 2.70
CA ILE A 8 -36.55 23.28 2.44
C ILE A 8 -35.07 22.90 2.50
N LYS A 9 -34.77 21.76 3.13
CA LYS A 9 -33.40 21.26 3.17
C LYS A 9 -33.21 20.17 2.17
N CYS A 10 -32.14 20.32 1.41
CA CYS A 10 -31.76 19.38 0.38
C CYS A 10 -30.31 18.83 0.51
N VAL A 11 -30.16 17.51 0.49
CA VAL A 11 -28.88 16.85 0.65
C VAL A 11 -28.55 15.95 -0.56
N VAL A 12 -27.36 16.17 -1.11
CA VAL A 12 -26.86 15.48 -2.28
C VAL A 12 -25.78 14.46 -1.87
N VAL A 13 -25.92 13.23 -2.33
CA VAL A 13 -24.97 12.18 -2.08
C VAL A 13 -24.63 11.42 -3.35
N GLY A 14 -23.63 10.55 -3.26
CA GLY A 14 -23.15 9.77 -4.39
C GLY A 14 -21.65 9.61 -4.37
N ASP A 15 -21.14 8.67 -5.15
CA ASP A 15 -19.71 8.40 -5.25
C ASP A 15 -18.92 9.66 -5.62
N GLY A 16 -17.67 9.71 -5.11
CA GLY A 16 -16.67 10.69 -5.51
C GLY A 16 -16.59 10.87 -7.02
N ALA A 17 -16.53 12.12 -7.44
CA ALA A 17 -16.29 12.46 -8.86
C ALA A 17 -17.47 12.16 -9.78
N VAL A 18 -18.69 12.04 -9.25
CA VAL A 18 -19.86 11.91 -10.13
C VAL A 18 -20.42 13.26 -10.58
N GLY A 19 -19.95 14.34 -9.95
CA GLY A 19 -20.33 15.71 -10.33
C GLY A 19 -21.16 16.48 -9.31
N LYS A 20 -21.27 15.95 -8.09
CA LYS A 20 -22.11 16.54 -7.07
C LYS A 20 -21.75 18.00 -6.89
N THR A 21 -20.48 18.24 -6.64
CA THR A 21 -20.10 19.56 -6.23
C THR A 21 -20.31 20.58 -7.39
N CYS A 22 -20.13 20.13 -8.63
CA CYS A 22 -20.29 21.01 -9.79
C CYS A 22 -21.74 21.36 -10.14
N LEU A 23 -22.56 20.35 -10.07
CA LEU A 23 -23.99 20.51 -10.08
C LEU A 23 -24.48 21.68 -9.25
N LEU A 24 -23.94 21.78 -8.05
CA LEU A 24 -24.41 22.77 -7.09
C LEU A 24 -23.91 24.13 -7.44
N ILE A 25 -22.69 24.19 -7.92
CA ILE A 25 -22.07 25.46 -8.26
C ILE A 25 -22.72 25.97 -9.52
N SER A 26 -22.69 25.15 -10.55
CA SER A 26 -23.28 25.54 -11.81
C SER A 26 -24.72 26.02 -11.67
N TYR A 27 -25.46 25.43 -10.74
CA TYR A 27 -26.86 25.79 -10.53
C TYR A 27 -26.95 27.12 -9.86
N THR A 28 -26.19 27.29 -8.79
CA THR A 28 -26.30 28.47 -7.94
C THR A 28 -25.53 29.69 -8.41
N THR A 29 -24.55 29.51 -9.30
CA THR A 29 -23.80 30.63 -9.89
C THR A 29 -23.89 30.70 -11.43
N ASN A 30 -24.56 29.74 -12.06
CA ASN A 30 -24.65 29.67 -13.53
C ASN A 30 -23.30 29.62 -14.20
N ALA A 31 -22.36 28.97 -13.54
CA ALA A 31 -21.00 28.89 -14.02
C ALA A 31 -20.38 27.59 -13.58
N PHE A 32 -20.03 26.75 -14.55
CA PHE A 32 -19.30 25.53 -14.28
C PHE A 32 -17.86 25.93 -14.02
N PRO A 33 -17.28 25.48 -12.91
CA PRO A 33 -15.96 25.97 -12.49
C PRO A 33 -14.84 25.50 -13.39
N GLY A 34 -13.84 26.36 -13.58
CA GLY A 34 -12.70 26.03 -14.42
C GLY A 34 -11.81 25.04 -13.71
N GLU A 35 -10.72 25.54 -13.15
CA GLU A 35 -9.94 24.74 -12.21
C GLU A 35 -10.38 25.05 -10.79
N TYR A 36 -9.84 24.27 -9.87
CA TYR A 36 -10.22 24.27 -8.47
C TYR A 36 -11.70 24.00 -8.28
N ILE A 37 -11.97 22.97 -7.50
CA ILE A 37 -13.31 22.52 -7.27
C ILE A 37 -13.28 21.94 -5.87
N PRO A 38 -13.77 22.67 -4.89
CA PRO A 38 -13.66 22.08 -3.57
C PRO A 38 -14.21 20.65 -3.53
N THR A 39 -13.78 19.85 -2.56
CA THR A 39 -14.39 18.55 -2.31
C THR A 39 -15.91 18.72 -2.10
N VAL A 40 -16.25 19.56 -1.13
CA VAL A 40 -17.61 19.90 -0.74
C VAL A 40 -17.87 21.40 -0.88
N PHE A 41 -18.83 21.72 -1.74
CA PHE A 41 -19.44 23.06 -1.91
C PHE A 41 -19.74 23.78 -0.58
N ASP A 42 -19.43 25.07 -0.51
CA ASP A 42 -19.75 25.89 0.66
C ASP A 42 -21.24 25.89 0.94
N ASN A 43 -21.63 25.57 2.18
CA ASN A 43 -23.06 25.40 2.45
C ASN A 43 -23.83 26.69 2.13
N TYR A 44 -25.01 26.53 1.58
CA TYR A 44 -25.55 27.61 0.81
C TYR A 44 -27.04 27.43 0.50
N SER A 45 -27.80 28.51 0.65
CA SER A 45 -29.26 28.43 0.62
C SER A 45 -29.86 29.43 -0.37
N ALA A 46 -30.65 28.89 -1.28
CA ALA A 46 -31.13 29.58 -2.48
C ALA A 46 -32.63 29.88 -2.39
N ASN A 47 -33.03 31.09 -2.77
CA ASN A 47 -34.46 31.43 -2.94
C ASN A 47 -34.97 31.24 -4.38
N VAL A 48 -35.88 30.30 -4.56
CA VAL A 48 -36.36 29.93 -5.88
C VAL A 48 -37.85 30.18 -5.90
N MET A 49 -38.35 30.85 -6.94
CA MET A 49 -39.78 30.96 -7.15
C MET A 49 -40.27 29.61 -7.63
N VAL A 50 -41.41 29.18 -7.12
CA VAL A 50 -42.14 28.03 -7.67
C VAL A 50 -43.65 28.32 -7.65
N ASP A 51 -44.25 28.32 -8.83
CA ASP A 51 -45.66 28.60 -8.96
C ASP A 51 -46.03 29.90 -8.22
N GLY A 52 -45.14 30.89 -8.26
CA GLY A 52 -45.46 32.24 -7.76
C GLY A 52 -45.22 32.52 -6.27
N LYS A 53 -44.84 31.51 -5.51
CA LYS A 53 -44.48 31.69 -4.11
C LYS A 53 -43.03 31.22 -3.96
N PRO A 54 -42.19 32.03 -3.32
CA PRO A 54 -40.78 31.77 -3.18
C PRO A 54 -40.51 30.73 -2.11
N VAL A 55 -39.38 30.04 -2.26
CA VAL A 55 -39.02 28.90 -1.45
C VAL A 55 -37.54 28.99 -1.13
N ASN A 56 -37.14 28.63 0.09
CA ASN A 56 -35.76 28.74 0.50
C ASN A 56 -35.18 27.34 0.50
N LEU A 57 -34.15 27.17 -0.31
CA LEU A 57 -33.64 25.86 -0.66
C LEU A 57 -32.23 25.77 -0.14
N GLY A 58 -32.06 24.96 0.90
CA GLY A 58 -30.80 24.75 1.57
C GLY A 58 -30.12 23.55 0.95
N LEU A 59 -28.96 23.81 0.33
CA LEU A 59 -28.24 22.83 -0.45
C LEU A 59 -27.08 22.30 0.37
N TRP A 60 -27.10 21.02 0.69
CA TRP A 60 -26.06 20.40 1.49
C TRP A 60 -25.36 19.39 0.60
N ASP A 61 -24.10 19.70 0.27
CA ASP A 61 -23.21 18.85 -0.47
C ASP A 61 -22.58 17.88 0.52
N THR A 62 -22.09 16.77 -0.01
CA THR A 62 -21.35 15.78 0.76
C THR A 62 -20.16 15.20 -0.02
N ALA A 63 -19.35 14.48 0.71
CA ALA A 63 -18.28 13.70 0.15
C ALA A 63 -18.16 12.44 0.98
N GLY A 64 -17.18 11.63 0.67
CA GLY A 64 -16.91 10.44 1.43
C GLY A 64 -15.52 10.14 1.06
N GLN A 65 -14.82 9.47 1.92
CA GLN A 65 -13.40 9.46 1.77
C GLN A 65 -12.87 8.82 3.05
N GLU A 66 -12.76 9.59 4.15
CA GLU A 66 -12.33 9.01 5.43
C GLU A 66 -12.61 9.94 6.59
N ASP A 67 -12.16 11.18 6.53
CA ASP A 67 -12.75 12.23 7.37
C ASP A 67 -14.22 12.37 6.94
N TYR A 68 -14.44 12.43 5.64
CA TYR A 68 -15.76 12.68 5.11
C TYR A 68 -16.80 11.63 5.44
N ASP A 69 -16.41 10.43 5.82
CA ASP A 69 -17.39 9.45 6.27
C ASP A 69 -17.93 9.77 7.68
N ARG A 70 -17.13 10.33 8.58
CA ARG A 70 -17.72 10.76 9.86
C ARG A 70 -18.55 12.04 9.74
N LEU A 71 -18.40 12.74 8.62
CA LEU A 71 -18.99 14.04 8.42
C LEU A 71 -20.35 13.92 7.76
N ARG A 72 -20.47 13.10 6.72
CA ARG A 72 -21.68 12.98 5.94
C ARG A 72 -22.92 12.73 6.78
N PRO A 73 -22.87 11.77 7.70
CA PRO A 73 -24.05 11.55 8.52
C PRO A 73 -24.59 12.81 9.16
N LEU A 74 -23.74 13.75 9.53
CA LEU A 74 -24.21 14.95 10.23
C LEU A 74 -25.04 15.84 9.34
N SER A 75 -25.13 15.56 8.05
CA SER A 75 -25.98 16.38 7.18
C SER A 75 -27.45 15.93 7.13
N TYR A 76 -27.69 14.69 7.55
CA TYR A 76 -28.97 14.03 7.28
C TYR A 76 -30.19 14.53 8.08
N PRO A 77 -30.01 14.84 9.36
CA PRO A 77 -31.13 15.30 10.14
C PRO A 77 -31.98 16.39 9.49
N GLN A 78 -33.30 16.20 9.53
CA GLN A 78 -34.28 17.21 9.10
C GLN A 78 -34.23 17.49 7.62
N THR A 79 -33.83 16.49 6.85
CA THR A 79 -33.71 16.59 5.42
C THR A 79 -35.11 16.43 4.87
N ASP A 80 -35.51 17.27 3.92
CA ASP A 80 -36.87 17.18 3.37
C ASP A 80 -36.88 16.36 2.10
N VAL A 81 -35.76 16.41 1.35
CA VAL A 81 -35.60 15.69 0.08
C VAL A 81 -34.12 15.32 -0.11
N SER A 82 -33.81 14.18 -0.71
CA SER A 82 -32.40 13.97 -1.05
C SER A 82 -32.14 13.49 -2.45
N LEU A 83 -31.12 14.06 -3.10
CA LEU A 83 -30.71 13.64 -4.43
C LEU A 83 -29.65 12.55 -4.36
N ILE A 84 -29.86 11.42 -5.03
CA ILE A 84 -28.79 10.48 -5.19
C ILE A 84 -28.24 10.61 -6.60
N CYS A 85 -26.95 10.94 -6.70
CA CYS A 85 -26.34 11.19 -7.98
C CYS A 85 -25.44 10.05 -8.29
N PHE A 86 -25.32 9.76 -9.58
CA PHE A 86 -24.31 8.86 -10.10
C PHE A 86 -23.92 9.37 -11.47
N SER A 87 -22.80 8.96 -12.01
CA SER A 87 -22.37 9.46 -13.31
C SER A 87 -22.85 8.53 -14.40
N LEU A 88 -23.41 9.12 -15.43
CA LEU A 88 -23.95 8.31 -16.51
C LEU A 88 -22.86 7.54 -17.23
N VAL A 89 -21.62 8.02 -17.13
CA VAL A 89 -20.47 7.36 -17.77
C VAL A 89 -19.54 6.64 -16.77
N SER A 90 -20.13 6.11 -15.69
CA SER A 90 -19.41 5.35 -14.69
C SER A 90 -20.38 4.35 -14.06
N PRO A 91 -20.46 3.16 -14.62
CA PRO A 91 -21.34 2.12 -14.09
C PRO A 91 -21.07 1.74 -12.66
N ALA A 92 -19.82 1.76 -12.22
CA ALA A 92 -19.58 1.60 -10.78
C ALA A 92 -20.35 2.63 -9.95
N SER A 93 -20.36 3.91 -10.31
CA SER A 93 -21.20 4.88 -9.54
C SER A 93 -22.67 4.49 -9.58
N PHE A 94 -23.10 3.88 -10.69
CA PHE A 94 -24.43 3.38 -10.80
C PHE A 94 -24.66 2.26 -9.83
N GLU A 95 -23.83 1.24 -9.84
CA GLU A 95 -23.99 0.17 -8.84
C GLU A 95 -24.07 0.64 -7.37
N ASN A 96 -23.33 1.66 -6.97
CA ASN A 96 -23.39 2.06 -5.58
C ASN A 96 -24.67 2.75 -5.18
N VAL A 97 -25.51 3.14 -6.15
CA VAL A 97 -26.85 3.64 -5.84
C VAL A 97 -27.62 2.58 -5.05
N ARG A 98 -27.76 1.39 -5.60
CA ARG A 98 -28.40 0.30 -4.89
C ARG A 98 -27.59 -0.16 -3.71
N ALA A 99 -26.29 -0.30 -3.91
CA ALA A 99 -25.45 -0.96 -2.93
C ALA A 99 -25.18 -0.08 -1.71
N LYS A 100 -25.11 1.23 -1.90
CA LYS A 100 -24.64 2.07 -0.82
C LYS A 100 -25.57 3.24 -0.45
N TRP A 101 -25.86 4.08 -1.44
CA TRP A 101 -26.54 5.36 -1.21
C TRP A 101 -27.97 5.16 -0.86
N TYR A 102 -28.66 4.28 -1.55
CA TYR A 102 -30.03 4.05 -1.20
C TYR A 102 -30.19 3.56 0.24
N PRO A 103 -29.49 2.47 0.61
CA PRO A 103 -29.60 2.05 2.02
C PRO A 103 -29.16 3.08 3.06
N GLU A 104 -28.15 3.87 2.76
CA GLU A 104 -27.66 4.80 3.75
C GLU A 104 -28.67 5.88 4.05
N VAL A 105 -29.36 6.31 3.01
CA VAL A 105 -30.31 7.40 3.13
C VAL A 105 -31.58 6.92 3.82
N ARG A 106 -32.08 5.77 3.41
CA ARG A 106 -33.28 5.25 4.01
C ARG A 106 -33.02 4.96 5.50
N HIS A 107 -31.79 4.62 5.86
CA HIS A 107 -31.43 4.51 7.27
C HIS A 107 -31.60 5.85 8.01
N HIS A 108 -30.96 6.88 7.48
CA HIS A 108 -30.91 8.17 8.16
C HIS A 108 -32.16 9.03 7.93
N CYS A 109 -32.83 8.84 6.78
CA CYS A 109 -34.04 9.59 6.42
C CYS A 109 -35.13 8.66 5.99
N PRO A 110 -35.68 7.90 6.95
CA PRO A 110 -36.84 7.13 6.54
C PRO A 110 -37.91 8.15 6.10
N ASN A 111 -38.73 7.80 5.11
CA ASN A 111 -39.87 8.65 4.69
C ASN A 111 -39.57 9.93 3.98
N THR A 112 -38.34 10.20 3.56
CA THR A 112 -38.11 11.41 2.83
C THR A 112 -37.99 11.06 1.36
N PRO A 113 -38.59 11.87 0.49
CA PRO A 113 -38.48 11.58 -0.91
C PRO A 113 -37.03 11.62 -1.41
N ILE A 114 -36.76 10.80 -2.41
CA ILE A 114 -35.48 10.70 -3.07
C ILE A 114 -35.70 10.93 -4.55
N ILE A 115 -34.84 11.75 -5.14
CA ILE A 115 -34.72 11.89 -6.57
C ILE A 115 -33.43 11.15 -6.93
N LEU A 116 -33.43 10.40 -8.02
CA LEU A 116 -32.20 9.91 -8.58
C LEU A 116 -31.75 10.79 -9.71
N VAL A 117 -30.50 11.17 -9.68
CA VAL A 117 -29.95 12.06 -10.67
C VAL A 117 -28.83 11.36 -11.36
N GLY A 118 -28.98 11.14 -12.65
CA GLY A 118 -27.86 10.71 -13.47
C GLY A 118 -27.15 11.94 -13.93
N THR A 119 -25.85 11.99 -13.72
CA THR A 119 -25.06 13.18 -14.03
C THR A 119 -24.21 13.00 -15.29
N LYS A 120 -23.65 14.11 -15.78
CA LYS A 120 -22.73 14.14 -16.93
C LYS A 120 -23.37 13.70 -18.24
N LEU A 121 -24.56 14.23 -18.48
CA LEU A 121 -25.37 13.84 -19.62
C LEU A 121 -24.67 14.17 -20.94
N ASP A 122 -23.85 15.22 -20.90
CA ASP A 122 -23.12 15.70 -22.07
C ASP A 122 -22.11 14.68 -22.55
N LEU A 123 -21.46 13.97 -21.63
CA LEU A 123 -20.43 12.98 -21.97
C LEU A 123 -20.96 11.68 -22.56
N ARG A 124 -22.27 11.44 -22.52
CA ARG A 124 -22.81 10.18 -23.06
C ARG A 124 -22.64 10.03 -24.58
N ASP A 125 -22.70 11.16 -25.30
CA ASP A 125 -22.56 11.15 -26.75
C ASP A 125 -21.21 11.73 -27.20
N ASP A 126 -20.24 11.71 -26.28
CA ASP A 126 -18.87 12.15 -26.56
C ASP A 126 -18.01 10.93 -26.94
N LYS A 127 -17.51 10.87 -28.17
CA LYS A 127 -16.86 9.64 -28.65
C LYS A 127 -15.54 9.34 -27.92
N ASP A 128 -14.88 10.37 -27.40
CA ASP A 128 -13.70 10.16 -26.57
C ASP A 128 -14.06 9.31 -25.37
N THR A 129 -15.01 9.81 -24.59
CA THR A 129 -15.52 9.11 -23.42
C THR A 129 -16.03 7.71 -23.75
N ILE A 130 -16.75 7.58 -24.86
CA ILE A 130 -17.36 6.30 -25.25
C ILE A 130 -16.30 5.28 -25.64
N GLU A 131 -15.25 5.77 -26.30
CA GLU A 131 -14.14 4.93 -26.72
C GLU A 131 -13.35 4.46 -25.51
N LYS A 132 -13.04 5.39 -24.60
CA LYS A 132 -12.36 5.02 -23.35
C LYS A 132 -13.09 3.86 -22.70
N LEU A 133 -14.40 3.99 -22.55
CA LEU A 133 -15.20 2.94 -21.92
C LEU A 133 -15.26 1.66 -22.73
N LYS A 134 -15.40 1.78 -24.05
CA LYS A 134 -15.30 0.61 -24.94
C LYS A 134 -14.00 -0.11 -24.64
N GLU A 135 -12.93 0.68 -24.48
CA GLU A 135 -11.58 0.16 -24.19
C GLU A 135 -11.49 -0.70 -22.93
N LYS A 136 -12.55 -0.72 -22.13
CA LYS A 136 -12.61 -1.65 -21.00
C LYS A 136 -14.01 -2.20 -20.79
N LYS A 137 -14.66 -2.58 -21.89
CA LYS A 137 -15.92 -3.34 -21.82
C LYS A 137 -17.03 -2.64 -21.02
N LEU A 138 -17.07 -1.32 -21.11
CA LEU A 138 -18.08 -0.53 -20.43
C LEU A 138 -18.83 0.34 -21.44
N THR A 139 -20.08 0.68 -21.10
CA THR A 139 -20.84 1.67 -21.86
C THR A 139 -21.74 2.45 -20.92
N PRO A 140 -22.04 3.71 -21.27
CA PRO A 140 -22.88 4.58 -20.47
C PRO A 140 -24.18 3.97 -20.00
N ILE A 141 -24.70 4.48 -18.89
CA ILE A 141 -26.02 4.08 -18.49
C ILE A 141 -27.05 4.82 -19.36
N THR A 142 -28.10 4.09 -19.74
CA THR A 142 -29.18 4.64 -20.52
C THR A 142 -30.34 5.08 -19.63
N TYR A 143 -31.31 5.75 -20.23
CA TYR A 143 -32.47 6.27 -19.51
C TYR A 143 -33.33 5.14 -18.93
N PRO A 144 -33.73 4.19 -19.77
CA PRO A 144 -34.53 3.10 -19.23
C PRO A 144 -33.79 2.36 -18.12
N GLN A 145 -32.47 2.25 -18.22
CA GLN A 145 -31.66 1.64 -17.14
C GLN A 145 -31.75 2.46 -15.85
N GLY A 146 -31.47 3.76 -15.92
CA GLY A 146 -31.61 4.62 -14.74
C GLY A 146 -33.05 4.70 -14.25
N LEU A 147 -34.01 4.72 -15.17
CA LEU A 147 -35.38 4.86 -14.79
C LEU A 147 -35.76 3.67 -13.94
N ALA A 148 -35.38 2.48 -14.38
CA ALA A 148 -35.57 1.24 -13.60
C ALA A 148 -34.86 1.24 -12.25
N MET A 149 -33.62 1.71 -12.20
CA MET A 149 -32.99 1.85 -10.91
C MET A 149 -33.84 2.70 -9.98
N ALA A 150 -34.41 3.78 -10.52
CA ALA A 150 -35.19 4.73 -9.71
C ALA A 150 -36.44 4.04 -9.20
N LYS A 151 -37.05 3.26 -10.08
CA LYS A 151 -38.28 2.53 -9.75
C LYS A 151 -38.01 1.56 -8.58
N GLU A 152 -36.89 0.85 -8.68
CA GLU A 152 -36.48 -0.16 -7.72
C GLU A 152 -36.12 0.42 -6.35
N ILE A 153 -35.41 1.54 -6.31
CA ILE A 153 -35.12 2.19 -5.02
C ILE A 153 -36.26 3.09 -4.53
N GLY A 154 -37.41 3.03 -5.20
CA GLY A 154 -38.55 3.86 -4.77
C GLY A 154 -38.29 5.37 -4.83
N ALA A 155 -37.51 5.80 -5.81
CA ALA A 155 -37.33 7.22 -6.09
C ALA A 155 -38.58 7.82 -6.73
N VAL A 156 -38.88 9.03 -6.31
CA VAL A 156 -40.02 9.81 -6.74
C VAL A 156 -39.83 10.32 -8.14
N LYS A 157 -38.61 10.57 -8.56
CA LYS A 157 -38.36 10.95 -9.93
C LYS A 157 -36.93 10.64 -10.27
N TYR A 158 -36.68 10.25 -11.51
CA TYR A 158 -35.35 10.04 -12.08
C TYR A 158 -35.04 11.20 -13.04
N LEU A 159 -33.87 11.82 -12.94
CA LEU A 159 -33.57 12.96 -13.80
C LEU A 159 -32.15 12.96 -14.30
N GLU A 160 -31.98 13.25 -15.58
CA GLU A 160 -30.65 13.37 -16.16
C GLU A 160 -30.30 14.83 -16.35
N CYS A 161 -29.03 15.16 -16.22
CA CYS A 161 -28.59 16.53 -16.32
C CYS A 161 -27.11 16.60 -16.53
N SER A 162 -26.64 17.79 -16.89
CA SER A 162 -25.25 18.04 -17.19
C SER A 162 -24.93 19.37 -16.58
N ALA A 163 -24.17 19.32 -15.50
CA ALA A 163 -23.69 20.53 -14.88
C ALA A 163 -22.97 21.42 -15.90
N LEU A 164 -22.25 20.82 -16.86
CA LEU A 164 -21.46 21.62 -17.79
C LEU A 164 -22.27 22.48 -18.77
N THR A 165 -23.33 21.92 -19.33
CA THR A 165 -24.17 22.62 -20.27
C THR A 165 -25.41 23.22 -19.62
N GLN A 166 -25.58 22.93 -18.33
CA GLN A 166 -26.76 23.29 -17.54
C GLN A 166 -28.07 22.64 -18.03
N ARG A 167 -27.95 21.58 -18.82
CA ARG A 167 -29.08 21.13 -19.65
C ARG A 167 -30.30 20.70 -18.86
N GLY A 168 -30.13 19.82 -17.88
CA GLY A 168 -31.26 19.38 -17.06
C GLY A 168 -31.31 20.06 -15.70
N LEU A 169 -30.37 20.98 -15.48
CA LEU A 169 -29.94 21.32 -14.14
C LEU A 169 -31.02 21.98 -13.29
N LYS A 170 -31.68 23.00 -13.84
CA LYS A 170 -32.74 23.72 -13.16
C LYS A 170 -33.97 22.83 -12.86
N THR A 171 -34.23 21.86 -13.72
CA THR A 171 -35.33 20.92 -13.51
C THR A 171 -35.10 20.06 -12.25
N VAL A 172 -33.88 19.59 -12.06
CA VAL A 172 -33.52 18.79 -10.91
C VAL A 172 -33.97 19.47 -9.63
N PHE A 173 -33.65 20.74 -9.48
CA PHE A 173 -33.97 21.43 -8.24
C PHE A 173 -35.47 21.82 -8.12
N ASP A 174 -36.11 22.16 -9.24
CA ASP A 174 -37.56 22.37 -9.24
C ASP A 174 -38.33 21.11 -8.78
N GLU A 175 -37.94 19.96 -9.31
CA GLU A 175 -38.55 18.72 -8.88
C GLU A 175 -38.22 18.37 -7.44
N ALA A 176 -37.03 18.75 -6.98
CA ALA A 176 -36.65 18.45 -5.60
C ALA A 176 -37.57 19.19 -4.70
N ILE A 177 -37.77 20.46 -5.03
CA ILE A 177 -38.74 21.30 -4.33
C ILE A 177 -40.14 20.73 -4.40
N ARG A 178 -40.57 20.42 -5.62
CA ARG A 178 -41.93 19.95 -5.81
C ARG A 178 -42.25 18.70 -5.01
N ALA A 179 -41.26 17.84 -4.86
CA ALA A 179 -41.46 16.60 -4.17
C ALA A 179 -41.73 16.84 -2.71
N VAL A 180 -41.24 17.95 -2.15
CA VAL A 180 -41.52 18.25 -0.76
C VAL A 180 -42.89 18.89 -0.52
N LEU A 181 -43.34 19.77 -1.40
CA LEU A 181 -44.72 20.26 -1.33
C LEU A 181 -45.72 19.14 -1.84
N CYS A 182 -45.55 17.92 -1.25
CA CYS A 182 -46.06 16.58 -1.68
C CYS A 182 -45.41 16.06 -2.94
N GLY B 1 36.78 -48.08 11.68
CA GLY B 1 35.77 -47.04 11.50
C GLY B 1 35.94 -45.86 12.45
N SER B 2 37.12 -45.79 13.02
CA SER B 2 37.43 -44.60 13.75
C SER B 2 37.68 -43.54 12.72
N LYS B 3 38.56 -42.60 13.01
CA LYS B 3 38.87 -41.45 12.16
C LYS B 3 37.76 -40.49 12.05
N LEU B 4 38.02 -39.33 12.62
CA LEU B 4 37.39 -38.14 12.25
C LEU B 4 38.10 -37.49 11.09
N MET B 5 37.37 -36.65 10.38
CA MET B 5 37.88 -35.74 9.38
C MET B 5 37.20 -34.40 9.55
N GLN B 6 37.74 -33.39 8.90
CA GLN B 6 37.15 -32.08 8.95
C GLN B 6 35.85 -31.97 8.21
N ALA B 7 34.93 -31.24 8.81
CA ALA B 7 33.73 -30.79 8.15
C ALA B 7 33.71 -29.26 8.14
N ILE B 8 33.28 -28.68 7.04
CA ILE B 8 33.43 -27.26 6.79
C ILE B 8 32.11 -26.66 6.33
N LYS B 9 31.64 -25.65 7.05
CA LYS B 9 30.40 -24.95 6.69
C LYS B 9 30.74 -23.61 6.00
N CYS B 10 30.26 -23.51 4.75
CA CYS B 10 30.46 -22.34 3.93
C CYS B 10 29.14 -21.67 3.57
N VAL B 11 28.88 -20.51 4.19
CA VAL B 11 27.74 -19.69 3.88
C VAL B 11 28.04 -18.61 2.83
N VAL B 12 27.08 -18.43 1.92
CA VAL B 12 27.15 -17.44 0.84
C VAL B 12 26.15 -16.27 0.99
N VAL B 13 26.67 -15.05 0.91
CA VAL B 13 25.85 -13.86 0.96
C VAL B 13 26.19 -12.84 -0.11
N GLY B 14 25.30 -11.84 -0.24
CA GLY B 14 25.36 -10.89 -1.36
C GLY B 14 24.00 -10.40 -1.82
N ASP B 15 24.00 -9.35 -2.58
CA ASP B 15 22.76 -8.78 -3.02
C ASP B 15 22.01 -9.83 -3.84
N GLY B 16 20.71 -9.62 -3.98
CA GLY B 16 19.90 -10.47 -4.81
C GLY B 16 20.40 -10.35 -6.24
N ALA B 17 20.29 -11.45 -6.98
CA ALA B 17 20.64 -11.46 -8.39
C ALA B 17 22.12 -11.31 -8.71
N VAL B 18 23.03 -11.41 -7.73
CA VAL B 18 24.48 -11.37 -8.10
C VAL B 18 24.89 -12.71 -8.71
N GLY B 19 24.19 -13.75 -8.30
CA GLY B 19 24.31 -15.03 -8.93
C GLY B 19 24.82 -16.09 -7.98
N LYS B 20 24.38 -16.02 -6.73
CA LYS B 20 24.84 -16.91 -5.69
C LYS B 20 24.24 -18.28 -5.88
N THR B 21 22.97 -18.35 -6.26
CA THR B 21 22.34 -19.66 -6.40
C THR B 21 22.88 -20.39 -7.64
N CYS B 22 23.21 -19.66 -8.70
CA CYS B 22 23.80 -20.26 -9.92
C CYS B 22 25.23 -20.74 -9.69
N LEU B 23 25.91 -20.03 -8.79
CA LEU B 23 27.30 -20.31 -8.41
C LEU B 23 27.45 -21.65 -7.74
N LEU B 24 26.51 -21.98 -6.86
CA LEU B 24 26.53 -23.22 -6.13
C LEU B 24 26.05 -24.38 -6.98
N ILE B 25 25.05 -24.09 -7.81
CA ILE B 25 24.46 -25.11 -8.68
C ILE B 25 25.54 -25.51 -9.67
N SER B 26 25.88 -24.59 -10.57
CA SER B 26 26.98 -24.79 -11.54
C SER B 26 28.14 -25.61 -10.94
N TYR B 27 28.60 -25.21 -9.74
CA TYR B 27 29.72 -25.86 -9.08
C TYR B 27 29.39 -27.23 -8.51
N THR B 28 28.23 -27.42 -7.89
CA THR B 28 27.90 -28.73 -7.31
C THR B 28 27.46 -29.78 -8.34
N THR B 29 26.99 -29.33 -9.50
CA THR B 29 26.41 -30.25 -10.51
C THR B 29 26.98 -30.06 -11.92
N ASN B 30 27.96 -29.17 -12.09
CA ASN B 30 28.55 -28.85 -13.39
C ASN B 30 27.58 -28.38 -14.48
N ALA B 31 26.36 -28.00 -14.11
CA ALA B 31 25.38 -27.47 -15.08
C ALA B 31 24.81 -26.14 -14.58
N PHE B 32 25.12 -25.07 -15.32
CA PHE B 32 24.46 -23.78 -15.18
C PHE B 32 22.96 -23.97 -15.39
N PRO B 33 22.11 -23.46 -14.49
CA PRO B 33 20.69 -23.90 -14.43
C PRO B 33 19.78 -23.45 -15.58
N GLY B 34 20.13 -22.36 -16.27
CA GLY B 34 19.51 -22.04 -17.57
C GLY B 34 18.10 -21.44 -17.51
N GLU B 35 17.12 -22.26 -17.15
CA GLU B 35 15.79 -21.76 -16.75
C GLU B 35 15.39 -22.31 -15.37
N TYR B 36 14.51 -21.59 -14.68
CA TYR B 36 14.10 -21.85 -13.29
C TYR B 36 15.27 -22.04 -12.32
N ILE B 37 15.44 -21.04 -11.47
CA ILE B 37 16.46 -21.05 -10.45
C ILE B 37 15.73 -20.83 -9.14
N PRO B 38 15.87 -21.73 -8.16
CA PRO B 38 15.19 -21.40 -6.91
C PRO B 38 15.82 -20.16 -6.29
N THR B 39 15.16 -19.57 -5.30
CA THR B 39 15.67 -18.37 -4.66
C THR B 39 16.93 -18.76 -3.90
N VAL B 40 16.74 -19.73 -2.99
CA VAL B 40 17.80 -20.35 -2.19
C VAL B 40 17.99 -21.75 -2.73
N PHE B 41 19.23 -22.20 -2.75
CA PHE B 41 19.57 -23.51 -3.31
C PHE B 41 19.51 -24.61 -2.24
N ASP B 42 19.24 -25.85 -2.65
CA ASP B 42 19.12 -27.02 -1.76
C ASP B 42 20.36 -27.24 -0.95
N ASN B 43 20.20 -27.35 0.38
CA ASN B 43 21.37 -27.44 1.27
C ASN B 43 22.14 -28.74 1.02
N TYR B 44 23.43 -28.58 0.77
CA TYR B 44 24.23 -29.58 0.10
C TYR B 44 25.58 -29.84 0.82
N SER B 45 25.94 -31.11 0.86
CA SER B 45 27.15 -31.58 1.52
C SER B 45 27.82 -32.59 0.61
N ALA B 46 29.14 -32.55 0.55
CA ALA B 46 29.84 -33.55 -0.21
C ALA B 46 31.30 -33.64 0.23
N ASN B 47 31.85 -34.84 0.06
CA ASN B 47 33.17 -35.14 0.50
C ASN B 47 34.11 -34.80 -0.62
N VAL B 48 35.16 -34.03 -0.31
CA VAL B 48 36.16 -33.68 -1.31
C VAL B 48 37.58 -33.81 -0.77
N MET B 49 38.50 -34.24 -1.63
CA MET B 49 39.90 -34.33 -1.26
C MET B 49 40.61 -32.99 -1.42
N VAL B 50 41.72 -32.87 -0.71
CA VAL B 50 42.55 -31.68 -0.72
C VAL B 50 43.92 -32.09 -0.20
N ASP B 51 44.97 -31.87 -0.97
CA ASP B 51 46.31 -32.27 -0.52
C ASP B 51 46.18 -33.67 0.07
N GLY B 52 45.36 -34.51 -0.55
CA GLY B 52 45.13 -35.87 -0.07
C GLY B 52 44.64 -35.96 1.37
N LYS B 53 43.85 -34.97 1.79
CA LYS B 53 43.17 -34.97 3.09
C LYS B 53 41.70 -34.67 2.87
N PRO B 54 40.82 -35.60 3.25
CA PRO B 54 39.39 -35.51 2.96
C PRO B 54 38.68 -34.48 3.81
N VAL B 55 37.74 -33.79 3.20
CA VAL B 55 36.99 -32.74 3.87
C VAL B 55 35.55 -32.87 3.47
N ASN B 56 34.66 -32.49 4.37
CA ASN B 56 33.24 -32.53 4.11
C ASN B 56 32.67 -31.11 4.02
N LEU B 57 32.37 -30.67 2.80
CA LEU B 57 32.06 -29.26 2.55
C LEU B 57 30.60 -29.05 2.63
N GLY B 58 30.17 -28.07 3.41
CA GLY B 58 28.75 -27.84 3.71
C GLY B 58 28.35 -26.47 3.21
N LEU B 59 27.71 -26.44 2.04
CA LEU B 59 27.36 -25.18 1.37
C LEU B 59 25.96 -24.69 1.75
N TRP B 60 25.87 -23.48 2.29
CA TRP B 60 24.57 -22.84 2.59
C TRP B 60 24.34 -21.54 1.79
N ASP B 61 23.28 -21.54 0.98
CA ASP B 61 22.83 -20.38 0.25
C ASP B 61 21.99 -19.50 1.15
N THR B 62 21.92 -18.22 0.82
CA THR B 62 21.06 -17.25 1.51
C THR B 62 20.39 -16.33 0.50
N ALA B 63 19.42 -15.56 0.94
CA ALA B 63 18.69 -14.77 -0.02
C ALA B 63 18.18 -13.46 0.46
N GLY B 64 18.30 -13.12 1.73
CA GLY B 64 17.74 -11.84 2.20
C GLY B 64 16.78 -11.05 1.27
N GLN B 65 15.50 -11.13 1.51
CA GLN B 65 14.55 -10.70 0.53
C GLN B 65 13.18 -10.67 1.25
N GLU B 66 13.09 -9.79 2.25
CA GLU B 66 11.82 -9.40 2.83
C GLU B 66 10.93 -10.63 3.23
N ASP B 67 11.52 -11.55 4.01
CA ASP B 67 11.01 -12.92 4.38
C ASP B 67 12.25 -13.86 4.52
N TYR B 68 13.20 -13.70 3.61
CA TYR B 68 14.50 -14.35 3.70
C TYR B 68 15.44 -13.49 4.53
N ASP B 69 15.03 -12.25 4.79
CA ASP B 69 15.77 -11.37 5.72
C ASP B 69 15.78 -11.99 7.11
N ARG B 70 14.66 -12.63 7.45
CA ARG B 70 14.49 -13.31 8.71
C ARG B 70 15.31 -14.61 8.75
N LEU B 71 15.29 -15.37 7.67
CA LEU B 71 16.00 -16.65 7.61
C LEU B 71 17.51 -16.60 7.56
N ARG B 72 18.04 -15.59 6.86
CA ARG B 72 19.48 -15.50 6.67
C ARG B 72 20.34 -15.61 7.95
N PRO B 73 20.11 -14.77 8.95
CA PRO B 73 20.85 -14.89 10.23
C PRO B 73 21.01 -16.32 10.73
N LEU B 74 19.95 -17.11 10.65
CA LEU B 74 20.01 -18.48 11.11
C LEU B 74 21.05 -19.32 10.39
N SER B 75 21.56 -18.89 9.25
CA SER B 75 22.59 -19.70 8.60
C SER B 75 23.96 -19.49 9.24
N TYR B 76 24.09 -18.43 10.03
CA TYR B 76 25.41 -17.91 10.41
C TYR B 76 26.23 -18.63 11.48
N PRO B 77 25.55 -19.13 12.55
CA PRO B 77 26.25 -19.84 13.61
C PRO B 77 27.21 -20.88 13.09
N GLN B 78 28.36 -20.99 13.78
CA GLN B 78 29.32 -22.06 13.56
C GLN B 78 29.70 -22.16 12.11
N THR B 79 30.00 -21.02 11.48
CA THR B 79 30.38 -20.97 10.08
C THR B 79 31.87 -20.92 10.04
N ASP B 80 32.47 -21.71 9.15
CA ASP B 80 33.92 -21.78 9.04
C ASP B 80 34.49 -20.74 8.05
N VAL B 81 33.70 -20.35 7.06
CA VAL B 81 34.16 -19.45 6.02
C VAL B 81 32.98 -18.85 5.28
N SER B 82 33.14 -17.62 4.78
CA SER B 82 32.06 -16.93 4.10
C SER B 82 32.43 -16.42 2.77
N LEU B 83 31.51 -16.55 1.82
CA LEU B 83 31.71 -15.98 0.51
C LEU B 83 30.81 -14.74 0.45
N ILE B 84 31.40 -13.56 0.33
CA ILE B 84 30.62 -12.39 0.07
C ILE B 84 30.73 -12.21 -1.43
N CYS B 85 29.59 -12.21 -2.11
CA CYS B 85 29.63 -11.99 -3.55
C CYS B 85 28.98 -10.72 -3.96
N PHE B 86 29.49 -10.20 -5.08
CA PHE B 86 28.88 -9.14 -5.80
C PHE B 86 29.06 -9.44 -7.29
N SER B 87 28.17 -8.88 -8.13
CA SER B 87 28.28 -9.02 -9.57
C SER B 87 29.23 -7.95 -10.10
N LEU B 88 30.23 -8.35 -10.88
CA LEU B 88 31.22 -7.38 -11.41
C LEU B 88 30.57 -6.32 -12.28
N VAL B 89 29.35 -6.61 -12.73
CA VAL B 89 28.61 -5.71 -13.60
C VAL B 89 27.38 -5.10 -12.91
N SER B 90 27.53 -4.81 -11.61
CA SER B 90 26.50 -4.16 -10.80
C SER B 90 27.16 -3.46 -9.63
N PRO B 91 27.74 -2.28 -9.88
CA PRO B 91 28.43 -1.44 -8.89
C PRO B 91 27.70 -1.22 -7.57
N ALA B 92 26.38 -1.24 -7.59
CA ALA B 92 25.58 -1.14 -6.36
C ALA B 92 25.88 -2.29 -5.46
N SER B 93 25.89 -3.49 -6.01
CA SER B 93 26.10 -4.72 -5.20
C SER B 93 27.53 -4.77 -4.68
N PHE B 94 28.44 -4.15 -5.43
CA PHE B 94 29.81 -4.08 -5.03
C PHE B 94 30.01 -3.06 -3.91
N GLU B 95 29.32 -1.94 -4.00
CA GLU B 95 29.28 -0.99 -2.89
C GLU B 95 28.54 -1.49 -1.61
N ASN B 96 27.61 -2.43 -1.76
CA ASN B 96 26.93 -2.97 -0.59
C ASN B 96 27.83 -3.95 0.13
N VAL B 97 28.92 -4.38 -0.53
CA VAL B 97 29.89 -5.19 0.21
C VAL B 97 30.35 -4.40 1.46
N ARG B 98 30.63 -3.11 1.27
CA ARG B 98 31.08 -2.21 2.32
C ARG B 98 29.92 -1.80 3.20
N ALA B 99 28.80 -1.48 2.57
CA ALA B 99 27.76 -0.81 3.31
C ALA B 99 26.97 -1.82 4.13
N LYS B 100 26.93 -3.07 3.69
CA LYS B 100 26.02 -4.02 4.26
C LYS B 100 26.60 -5.41 4.63
N TRP B 101 27.25 -6.09 3.67
CA TRP B 101 27.64 -7.51 3.92
C TRP B 101 28.85 -7.67 4.81
N TYR B 102 29.88 -6.89 4.59
CA TYR B 102 31.06 -7.04 5.43
C TYR B 102 30.65 -6.86 6.91
N PRO B 103 29.95 -5.77 7.26
CA PRO B 103 29.54 -5.57 8.65
C PRO B 103 28.59 -6.66 9.13
N GLU B 104 27.77 -7.19 8.24
CA GLU B 104 26.81 -8.15 8.67
C GLU B 104 27.47 -9.51 8.96
N VAL B 105 28.32 -9.94 8.06
CA VAL B 105 29.17 -11.10 8.28
C VAL B 105 30.13 -10.91 9.48
N ARG B 106 30.60 -9.70 9.73
CA ARG B 106 31.58 -9.48 10.79
C ARG B 106 30.92 -9.61 12.12
N HIS B 107 29.65 -9.20 12.16
CA HIS B 107 28.85 -9.17 13.37
C HIS B 107 28.49 -10.56 13.82
N HIS B 108 27.92 -11.36 12.93
CA HIS B 108 27.53 -12.72 13.28
C HIS B 108 28.70 -13.69 13.29
N CYS B 109 29.80 -13.39 12.61
CA CYS B 109 30.98 -14.28 12.57
C CYS B 109 32.28 -13.53 12.70
N PRO B 110 32.57 -13.10 13.92
CA PRO B 110 33.87 -12.49 14.11
C PRO B 110 34.92 -13.57 13.94
N ASN B 111 36.11 -13.18 13.51
CA ASN B 111 37.26 -14.10 13.41
C ASN B 111 37.17 -15.25 12.41
N THR B 112 36.14 -15.25 11.56
CA THR B 112 35.98 -16.35 10.61
C THR B 112 36.26 -15.77 9.25
N PRO B 113 37.12 -16.44 8.47
CA PRO B 113 37.55 -15.81 7.20
C PRO B 113 36.48 -15.48 6.18
N ILE B 114 36.71 -14.37 5.50
CA ILE B 114 35.88 -13.97 4.40
C ILE B 114 36.62 -14.14 3.09
N ILE B 115 35.91 -14.67 2.10
CA ILE B 115 36.36 -14.67 0.74
C ILE B 115 35.43 -13.78 -0.10
N LEU B 116 36.04 -12.80 -0.80
CA LEU B 116 35.32 -11.87 -1.64
C LEU B 116 35.27 -12.44 -3.03
N VAL B 117 34.07 -12.61 -3.56
CA VAL B 117 33.90 -13.23 -4.87
C VAL B 117 33.18 -12.32 -5.86
N GLY B 118 33.90 -11.92 -6.90
CA GLY B 118 33.30 -11.13 -8.01
C GLY B 118 32.65 -12.11 -8.98
N THR B 119 31.32 -12.11 -9.04
CA THR B 119 30.62 -13.01 -9.93
C THR B 119 30.34 -12.38 -11.30
N LYS B 120 29.80 -13.21 -12.19
CA LYS B 120 29.42 -12.81 -13.53
C LYS B 120 30.59 -12.21 -14.31
N LEU B 121 31.76 -12.85 -14.15
CA LEU B 121 32.99 -12.42 -14.80
C LEU B 121 32.78 -12.20 -16.31
N ASP B 122 32.28 -13.21 -17.01
CA ASP B 122 32.07 -13.14 -18.45
C ASP B 122 31.55 -11.78 -18.94
N LEU B 123 30.62 -11.18 -18.20
CA LEU B 123 29.94 -9.96 -18.66
C LEU B 123 30.83 -8.70 -18.71
N ARG B 124 31.95 -8.67 -17.99
CA ARG B 124 32.80 -7.46 -17.92
C ARG B 124 33.28 -6.94 -19.29
N ASP B 125 33.44 -7.84 -20.26
CA ASP B 125 33.82 -7.43 -21.62
C ASP B 125 32.65 -7.58 -22.62
N ASP B 126 31.43 -7.72 -22.10
CA ASP B 126 30.24 -7.91 -22.93
C ASP B 126 29.75 -6.57 -23.46
N LYS B 127 29.76 -6.40 -24.78
CA LYS B 127 29.39 -5.13 -25.42
C LYS B 127 28.07 -4.57 -24.89
N ASP B 128 27.05 -5.42 -24.84
CA ASP B 128 25.69 -5.01 -24.47
C ASP B 128 25.63 -4.38 -23.06
N THR B 129 26.07 -5.13 -22.05
CA THR B 129 25.97 -4.67 -20.65
C THR B 129 26.90 -3.48 -20.32
N ILE B 130 27.97 -3.30 -21.09
CA ILE B 130 28.89 -2.17 -20.86
C ILE B 130 28.28 -0.81 -21.26
N GLU B 131 27.67 -0.76 -22.45
CA GLU B 131 27.09 0.47 -22.97
C GLU B 131 25.82 0.76 -22.20
N LYS B 132 25.10 -0.30 -21.85
CA LYS B 132 23.93 -0.18 -20.98
C LYS B 132 24.26 0.46 -19.61
N LEU B 133 25.48 0.19 -19.11
CA LEU B 133 25.91 0.68 -17.78
C LEU B 133 26.43 2.11 -17.83
N LYS B 134 27.23 2.39 -18.85
CA LYS B 134 27.58 3.78 -19.22
C LYS B 134 26.35 4.64 -19.50
N GLU B 135 25.27 3.98 -19.93
CA GLU B 135 23.98 4.66 -20.10
C GLU B 135 23.39 5.15 -18.79
N LYS B 136 23.79 4.53 -17.68
CA LYS B 136 23.47 5.06 -16.35
C LYS B 136 24.75 5.64 -15.72
N LYS B 137 25.65 6.12 -16.59
CA LYS B 137 27.02 6.51 -16.23
C LYS B 137 27.56 5.71 -15.03
N LEU B 138 27.62 4.39 -15.18
CA LEU B 138 28.58 3.56 -14.43
C LEU B 138 29.37 2.62 -15.36
N THR B 139 30.27 1.86 -14.75
CA THR B 139 31.17 0.94 -15.45
C THR B 139 31.34 -0.31 -14.59
N PRO B 140 31.65 -1.46 -15.22
CA PRO B 140 31.92 -2.66 -14.42
C PRO B 140 33.09 -2.48 -13.49
N ILE B 141 33.11 -3.25 -12.41
CA ILE B 141 34.19 -3.14 -11.44
C ILE B 141 35.45 -3.80 -11.98
N THR B 142 36.60 -3.18 -11.72
CA THR B 142 37.88 -3.68 -12.22
C THR B 142 38.59 -4.61 -11.21
N TYR B 143 39.58 -5.37 -11.68
CA TYR B 143 40.30 -6.28 -10.78
C TYR B 143 40.94 -5.54 -9.61
N PRO B 144 41.72 -4.48 -9.86
CA PRO B 144 42.31 -3.79 -8.70
C PRO B 144 41.29 -3.15 -7.78
N GLN B 145 40.16 -2.71 -8.32
CA GLN B 145 39.00 -2.28 -7.51
C GLN B 145 38.48 -3.40 -6.55
N GLY B 146 38.23 -4.58 -7.10
CA GLY B 146 37.88 -5.75 -6.30
C GLY B 146 38.96 -6.11 -5.29
N LEU B 147 40.20 -6.17 -5.73
CA LEU B 147 41.30 -6.45 -4.82
C LEU B 147 41.36 -5.40 -3.72
N ALA B 148 41.04 -4.15 -4.04
CA ALA B 148 41.20 -3.09 -3.07
C ALA B 148 40.18 -3.21 -1.93
N MET B 149 38.97 -3.67 -2.27
CA MET B 149 37.85 -3.81 -1.34
C MET B 149 38.09 -5.00 -0.37
N ALA B 150 38.65 -6.06 -0.94
CA ALA B 150 39.10 -7.23 -0.24
C ALA B 150 40.11 -6.84 0.81
N LYS B 151 41.09 -6.06 0.40
CA LYS B 151 42.10 -5.57 1.34
C LYS B 151 41.39 -4.77 2.44
N GLU B 152 40.40 -3.97 2.09
CA GLU B 152 39.70 -3.17 3.08
C GLU B 152 38.87 -3.99 4.11
N ILE B 153 38.22 -5.07 3.68
CA ILE B 153 37.34 -5.80 4.62
C ILE B 153 38.07 -6.95 5.30
N GLY B 154 39.39 -7.02 5.09
CA GLY B 154 40.20 -8.07 5.65
C GLY B 154 39.94 -9.42 5.02
N ALA B 155 39.46 -9.44 3.79
CA ALA B 155 39.21 -10.71 3.12
C ALA B 155 40.50 -11.43 2.94
N VAL B 156 40.42 -12.72 2.79
CA VAL B 156 41.58 -13.58 2.82
C VAL B 156 42.02 -13.89 1.40
N LYS B 157 41.07 -13.81 0.46
CA LYS B 157 41.34 -13.91 -0.97
C LYS B 157 40.29 -13.11 -1.69
N TYR B 158 40.68 -12.56 -2.83
CA TYR B 158 39.75 -11.99 -3.76
C TYR B 158 39.81 -12.90 -4.97
N LEU B 159 38.64 -13.29 -5.49
CA LEU B 159 38.54 -14.30 -6.54
C LEU B 159 37.36 -14.04 -7.47
N GLU B 160 37.64 -13.86 -8.77
CA GLU B 160 36.62 -13.60 -9.77
C GLU B 160 36.27 -14.89 -10.51
N CYS B 161 35.06 -14.95 -11.06
CA CYS B 161 34.57 -16.15 -11.75
C CYS B 161 33.20 -15.97 -12.38
N SER B 162 32.91 -16.84 -13.37
CA SER B 162 31.59 -16.96 -13.96
C SER B 162 31.02 -18.36 -13.74
N ALA B 163 29.80 -18.43 -13.21
CA ALA B 163 29.04 -19.69 -13.13
C ALA B 163 28.72 -20.27 -14.52
N LEU B 164 28.64 -19.39 -15.51
CA LEU B 164 28.25 -19.80 -16.86
C LEU B 164 29.33 -20.67 -17.51
N THR B 165 30.52 -20.12 -17.67
CA THR B 165 31.66 -20.85 -18.23
C THR B 165 32.39 -21.69 -17.17
N GLN B 166 31.97 -21.59 -15.91
CA GLN B 166 32.63 -22.25 -14.78
C GLN B 166 34.10 -21.84 -14.60
N ARG B 167 34.50 -20.75 -15.25
CA ARG B 167 35.88 -20.24 -15.20
C ARG B 167 36.22 -19.75 -13.80
N GLY B 168 37.37 -20.19 -13.29
CA GLY B 168 37.82 -19.81 -11.94
C GLY B 168 36.86 -20.15 -10.83
N LEU B 169 36.03 -21.16 -11.02
CA LEU B 169 34.97 -21.50 -10.09
C LEU B 169 35.40 -22.53 -9.03
N LYS B 170 36.22 -23.50 -9.41
CA LYS B 170 36.79 -24.47 -8.45
C LYS B 170 37.60 -23.71 -7.45
N THR B 171 38.43 -22.81 -7.96
CA THR B 171 39.32 -22.04 -7.13
C THR B 171 38.60 -21.44 -5.92
N VAL B 172 37.39 -20.91 -6.16
CA VAL B 172 36.62 -20.31 -5.10
C VAL B 172 36.43 -21.27 -3.96
N PHE B 173 36.01 -22.48 -4.27
CA PHE B 173 35.73 -23.42 -3.20
C PHE B 173 36.97 -24.10 -2.70
N ASP B 174 37.96 -24.19 -3.57
CA ASP B 174 39.27 -24.69 -3.15
C ASP B 174 39.78 -23.76 -2.06
N GLU B 175 39.92 -22.48 -2.38
CA GLU B 175 40.53 -21.53 -1.48
C GLU B 175 39.72 -21.29 -0.25
N ALA B 176 38.41 -21.49 -0.38
CA ALA B 176 37.51 -21.39 0.76
C ALA B 176 37.84 -22.48 1.75
N ILE B 177 37.94 -23.69 1.23
CA ILE B 177 38.41 -24.82 2.02
C ILE B 177 39.79 -24.57 2.61
N ARG B 178 40.69 -24.07 1.77
CA ARG B 178 42.06 -23.81 2.17
C ARG B 178 42.18 -22.75 3.27
N ALA B 179 41.26 -21.82 3.36
CA ALA B 179 41.36 -20.81 4.41
C ALA B 179 40.92 -21.35 5.77
N VAL B 180 40.35 -22.55 5.80
CA VAL B 180 39.98 -23.19 7.05
C VAL B 180 41.09 -24.13 7.49
N LEU B 181 41.73 -24.76 6.52
CA LEU B 181 42.87 -25.66 6.76
C LEU B 181 44.19 -24.98 7.14
N CYS B 182 44.40 -23.72 6.73
CA CYS B 182 45.63 -22.97 7.05
C CYS B 182 45.35 -21.51 7.30
N PRO B 183 45.15 -21.14 8.58
CA PRO B 183 45.18 -19.71 9.00
C PRO B 183 46.60 -19.15 9.27
N ARG C 10 9.76 39.16 19.70
CA ARG C 10 10.67 37.99 19.83
C ARG C 10 10.22 37.07 20.95
N ILE C 11 10.40 35.76 20.79
CA ILE C 11 10.04 34.84 21.85
C ILE C 11 11.24 34.70 22.77
N THR C 12 11.03 35.06 24.02
CA THR C 12 12.00 34.89 25.04
C THR C 12 11.59 33.66 25.82
N PRO C 13 12.50 33.08 26.59
CA PRO C 13 12.20 32.09 27.61
C PRO C 13 11.10 32.51 28.57
N LYS C 14 11.14 33.75 29.06
CA LYS C 14 10.12 34.25 30.00
C LYS C 14 8.72 34.14 29.40
N LYS C 15 8.61 34.48 28.11
CA LYS C 15 7.35 34.37 27.41
C LYS C 15 6.92 32.92 27.39
N LEU C 16 7.89 32.04 27.18
CA LEU C 16 7.60 30.64 26.96
C LEU C 16 7.02 29.97 28.18
N ARG C 17 7.50 30.35 29.34
CA ARG C 17 6.97 29.84 30.57
C ARG C 17 5.72 30.59 31.03
N GLU C 18 5.57 31.87 30.69
CA GLU C 18 4.25 32.51 30.78
C GLU C 18 3.23 31.62 30.03
N LEU C 19 3.54 31.24 28.80
CA LEU C 19 2.63 30.36 28.02
C LEU C 19 2.48 28.96 28.60
N SER C 20 3.52 28.45 29.25
CA SER C 20 3.44 27.12 29.84
C SER C 20 2.57 27.07 31.10
N ASP C 21 2.72 28.07 31.96
CA ASP C 21 1.85 28.16 33.12
C ASP C 21 0.41 28.27 32.66
N LEU C 22 0.20 28.75 31.45
CA LEU C 22 -1.13 28.92 30.96
C LEU C 22 -1.73 27.54 30.65
N LEU C 23 -0.96 26.72 29.94
CA LEU C 23 -1.42 25.38 29.59
C LEU C 23 -1.66 24.55 30.86
N ARG C 24 -0.71 24.57 31.78
CA ARG C 24 -0.88 23.88 33.06
C ARG C 24 -2.19 24.21 33.71
N THR C 25 -2.64 25.44 33.56
CA THR C 25 -3.93 25.85 34.09
C THR C 25 -5.05 25.08 33.46
N HIS C 26 -4.97 24.92 32.15
CA HIS C 26 -5.99 24.14 31.46
C HIS C 26 -5.90 22.68 31.93
N LEU C 27 -4.68 22.14 32.03
CA LEU C 27 -4.47 20.77 32.50
C LEU C 27 -5.08 20.45 33.87
N SER C 28 -5.21 21.46 34.74
CA SER C 28 -5.78 21.30 36.06
C SER C 28 -7.28 21.39 35.97
N SER C 29 -7.80 22.41 35.29
CA SER C 29 -9.24 22.49 35.04
C SER C 29 -9.73 21.19 34.40
N ALA C 30 -8.85 20.54 33.63
CA ALA C 30 -9.16 19.25 33.02
C ALA C 30 -9.28 18.21 34.11
N ALA C 31 -8.19 18.02 34.84
CA ALA C 31 -8.17 17.13 35.99
C ALA C 31 -9.45 17.23 36.87
N THR C 32 -10.05 18.42 36.99
CA THR C 32 -11.20 18.60 37.87
C THR C 32 -12.51 18.88 37.13
N LYS C 33 -12.57 18.48 35.84
CA LYS C 33 -13.81 18.65 35.02
C LYS C 33 -14.37 20.11 34.94
N GLN C 34 -13.49 21.05 34.56
CA GLN C 34 -13.87 22.47 34.36
C GLN C 34 -13.33 23.05 33.05
N LEU C 35 -12.48 22.29 32.35
CA LEU C 35 -11.82 22.75 31.13
C LEU C 35 -12.73 23.61 30.26
N ASP C 36 -12.33 24.87 30.07
CA ASP C 36 -12.91 25.79 29.08
C ASP C 36 -12.36 25.38 27.71
N MET C 37 -13.21 24.81 26.88
CA MET C 37 -12.71 24.12 25.70
C MET C 37 -12.38 25.15 24.60
N GLY C 38 -13.14 26.24 24.54
CA GLY C 38 -12.83 27.33 23.65
C GLY C 38 -11.57 28.02 24.13
N GLY C 39 -11.44 28.16 25.44
CA GLY C 39 -10.26 28.74 26.04
C GLY C 39 -9.01 28.01 25.61
N VAL C 40 -8.96 26.70 25.85
CA VAL C 40 -7.74 25.93 25.64
C VAL C 40 -7.37 25.79 24.15
N LEU C 41 -8.37 25.76 23.28
CA LEU C 41 -8.12 25.61 21.83
C LEU C 41 -7.58 26.89 21.20
N SER C 42 -8.17 28.00 21.58
CA SER C 42 -7.70 29.29 21.23
C SER C 42 -6.27 29.49 21.75
N ASP C 43 -6.08 29.29 23.05
CA ASP C 43 -4.74 29.38 23.63
C ASP C 43 -3.67 28.45 22.97
N LEU C 44 -4.09 27.29 22.49
CA LEU C 44 -3.15 26.34 21.90
C LEU C 44 -2.66 26.90 20.63
N ASP C 45 -3.53 27.60 19.92
CA ASP C 45 -3.14 28.20 18.64
C ASP C 45 -2.00 29.16 18.88
N THR C 46 -2.12 29.96 19.93
CA THR C 46 -1.04 30.83 20.34
C THR C 46 0.25 30.08 20.58
N MET C 47 0.22 29.02 21.39
CA MET C 47 1.42 28.18 21.60
C MET C 47 2.10 27.78 20.27
N LEU C 48 1.30 27.32 19.32
CA LEU C 48 1.88 26.88 18.07
C LEU C 48 2.65 28.00 17.38
N VAL C 49 2.17 29.24 17.42
CA VAL C 49 2.87 30.30 16.68
C VAL C 49 4.09 30.66 17.46
N ALA C 50 3.96 30.75 18.79
CA ALA C 50 5.10 30.98 19.67
C ALA C 50 6.22 29.97 19.42
N LEU C 51 5.90 28.69 19.50
CA LEU C 51 6.90 27.65 19.32
C LEU C 51 7.55 27.69 17.95
N ASP C 52 6.78 28.18 17.00
CA ASP C 52 7.23 28.32 15.64
C ASP C 52 8.25 29.44 15.52
N LYS C 53 7.96 30.55 16.18
CA LYS C 53 8.82 31.71 16.14
C LYS C 53 10.11 31.37 16.83
N ALA C 54 9.98 30.70 17.98
CA ALA C 54 11.12 30.39 18.81
C ALA C 54 12.07 29.44 18.11
N GLU C 55 11.51 28.41 17.49
CA GLU C 55 12.29 27.46 16.68
C GLU C 55 13.19 28.13 15.69
N ARG C 56 12.74 29.20 15.06
CA ARG C 56 13.58 29.80 14.04
C ARG C 56 14.15 31.20 14.34
N GLU C 57 14.48 31.46 15.60
CA GLU C 57 15.62 32.35 15.92
C GLU C 57 16.26 32.06 17.28
N GLY C 58 16.33 30.78 17.65
CA GLY C 58 16.94 30.41 18.92
C GLY C 58 16.43 31.37 19.98
N GLY C 59 17.35 32.09 20.63
CA GLY C 59 17.01 32.90 21.82
C GLY C 59 16.54 32.03 22.97
N VAL C 60 16.14 30.81 22.63
CA VAL C 60 15.60 29.82 23.54
C VAL C 60 16.40 28.52 23.33
N ASP C 61 16.71 27.86 24.44
CA ASP C 61 17.59 26.70 24.43
C ASP C 61 16.76 25.46 24.15
N LYS C 62 17.35 24.53 23.42
CA LYS C 62 16.66 23.35 22.96
C LYS C 62 16.08 22.48 24.08
N ASP C 63 16.55 22.68 25.31
CA ASP C 63 15.95 22.03 26.49
C ASP C 63 14.45 22.36 26.63
N GLN C 64 14.12 23.65 26.71
CA GLN C 64 12.72 24.10 26.86
C GLN C 64 11.85 23.76 25.64
N LEU C 65 12.33 24.13 24.46
CA LEU C 65 11.65 23.85 23.20
C LEU C 65 11.06 22.44 23.22
N LYS C 66 11.83 21.47 23.72
CA LYS C 66 11.37 20.08 23.74
C LYS C 66 10.29 19.91 24.81
N SER C 67 10.55 20.39 26.01
CA SER C 67 9.53 20.30 27.07
C SER C 67 8.27 21.09 26.74
N PHE C 68 8.41 22.16 25.95
CA PHE C 68 7.25 22.97 25.56
C PHE C 68 6.43 22.16 24.56
N ASN C 69 7.10 21.62 23.53
CA ASN C 69 6.49 20.68 22.60
C ASN C 69 5.79 19.55 23.33
N SER C 70 6.48 18.99 24.33
CA SER C 70 5.90 17.91 25.09
C SER C 70 4.65 18.38 25.72
N LEU C 71 4.74 19.52 26.39
CA LEU C 71 3.60 20.05 27.16
C LEU C 71 2.40 20.37 26.24
N ILE C 72 2.66 20.92 25.07
CA ILE C 72 1.59 21.06 24.08
C ILE C 72 0.89 19.71 23.79
N LEU C 73 1.69 18.71 23.36
CA LEU C 73 1.17 17.38 23.02
C LEU C 73 0.46 16.76 24.19
N LYS C 74 1.02 16.91 25.38
CA LYS C 74 0.36 16.41 26.56
C LYS C 74 -1.01 17.08 26.71
N THR C 75 -1.15 18.33 26.29
CA THR C 75 -2.47 19.02 26.37
C THR C 75 -3.44 18.44 25.31
N TYR C 76 -2.93 18.22 24.10
CA TYR C 76 -3.73 17.59 23.04
C TYR C 76 -4.27 16.23 23.48
N ARG C 77 -3.35 15.42 24.02
CA ARG C 77 -3.62 14.15 24.68
C ARG C 77 -4.86 14.26 25.53
N VAL C 78 -4.81 15.19 26.47
CA VAL C 78 -5.80 15.31 27.50
C VAL C 78 -7.11 15.73 26.92
N ILE C 79 -7.05 16.50 25.85
CA ILE C 79 -8.27 16.98 25.22
C ILE C 79 -8.98 15.81 24.57
N GLU C 80 -8.22 14.98 23.85
CA GLU C 80 -8.75 13.77 23.26
C GLU C 80 -9.41 12.86 24.28
N ASP C 81 -8.81 12.76 25.47
CA ASP C 81 -9.36 11.90 26.52
C ASP C 81 -10.57 12.53 27.19
N TYR C 82 -10.71 13.84 27.12
CA TYR C 82 -11.78 14.55 27.82
C TYR C 82 -13.07 14.60 27.02
N VAL C 83 -12.96 14.38 25.72
CA VAL C 83 -14.11 14.56 24.81
C VAL C 83 -15.16 13.47 25.01
N LYS C 84 -14.71 12.23 25.15
CA LYS C 84 -15.58 11.14 25.63
C LYS C 84 -16.43 11.49 26.87
N GLY C 85 -16.01 12.47 27.68
CA GLY C 85 -16.81 13.00 28.79
C GLY C 85 -16.34 14.36 29.26
N SER C 103 -25.94 26.78 17.63
CA SER C 103 -25.61 28.07 18.29
C SER C 103 -24.25 28.71 17.85
N ASN C 104 -23.43 27.92 17.13
CA ASN C 104 -22.17 28.30 16.42
C ASN C 104 -21.05 28.90 17.28
N PHE C 105 -20.99 28.45 18.53
CA PHE C 105 -20.15 29.10 19.51
C PHE C 105 -18.68 28.77 19.27
N MET C 106 -18.40 27.50 19.03
CA MET C 106 -17.06 27.07 18.79
C MET C 106 -16.49 27.57 17.49
N LEU C 107 -17.20 27.30 16.40
CA LEU C 107 -16.82 27.76 15.09
C LEU C 107 -16.33 29.18 15.24
N SER C 108 -17.08 29.95 16.00
CA SER C 108 -16.74 31.35 16.24
C SER C 108 -15.35 31.52 16.84
N ILE C 109 -15.01 30.70 17.84
CA ILE C 109 -13.71 30.77 18.55
C ILE C 109 -12.52 30.17 17.78
N VAL C 110 -12.78 29.10 17.08
CA VAL C 110 -11.72 28.21 16.61
C VAL C 110 -11.35 28.45 15.17
N GLU C 111 -12.16 29.24 14.46
CA GLU C 111 -12.00 29.46 13.01
C GLU C 111 -10.76 30.21 12.65
N PRO C 112 -10.43 31.26 13.38
CA PRO C 112 -9.14 31.95 13.15
C PRO C 112 -7.94 31.04 13.03
N SER C 113 -7.92 29.98 13.81
CA SER C 113 -6.81 29.04 13.78
C SER C 113 -6.76 28.32 12.47
N LEU C 114 -7.89 27.87 11.98
CA LEU C 114 -7.91 27.22 10.68
C LEU C 114 -7.44 28.15 9.57
N GLN C 115 -7.73 29.43 9.68
CA GLN C 115 -7.43 30.37 8.61
C GLN C 115 -5.94 30.67 8.53
N ARG C 116 -5.32 30.83 9.70
CA ARG C 116 -3.88 30.93 9.86
C ARG C 116 -3.16 29.70 9.38
N ILE C 117 -3.59 28.53 9.82
CA ILE C 117 -2.98 27.29 9.36
C ILE C 117 -3.19 27.12 7.87
N GLN C 118 -4.27 27.69 7.34
CA GLN C 118 -4.56 27.56 5.88
C GLN C 118 -3.51 28.34 5.03
N LYS C 119 -2.95 29.39 5.61
CA LYS C 119 -1.85 30.13 4.97
C LYS C 119 -0.55 29.32 4.83
N HIS C 120 -0.38 28.21 5.56
CA HIS C 120 0.78 27.32 5.39
C HIS C 120 0.71 26.46 4.15
N LEU C 121 -0.50 26.25 3.67
CA LEU C 121 -0.67 25.23 2.66
C LEU C 121 -0.19 25.77 1.36
N ASP C 122 -0.38 27.07 1.17
CA ASP C 122 -0.04 27.72 -0.10
C ASP C 122 1.46 28.06 -0.12
N GLN C 123 2.17 27.73 0.95
CA GLN C 123 3.60 28.00 1.05
C GLN C 123 4.45 26.84 0.58
N THR C 124 5.76 27.14 0.47
CA THR C 124 6.79 26.23 -0.02
C THR C 124 7.60 25.74 1.17
N HIS C 125 7.87 24.44 1.24
CA HIS C 125 8.37 23.84 2.46
C HIS C 125 9.73 23.17 2.34
N SER C 126 10.52 23.29 3.40
CA SER C 126 11.77 22.59 3.54
C SER C 126 11.71 21.63 4.74
N PHE C 127 12.79 20.87 4.98
CA PHE C 127 12.75 19.78 5.96
C PHE C 127 12.79 20.31 7.40
N SER C 128 13.09 21.58 7.55
CA SER C 128 13.05 22.22 8.88
C SER C 128 11.62 22.50 9.31
N ASP C 129 10.73 22.61 8.32
CA ASP C 129 9.29 22.80 8.53
C ASP C 129 8.53 21.55 9.03
N ILE C 130 9.07 20.36 8.87
CA ILE C 130 8.39 19.13 9.30
C ILE C 130 7.64 19.28 10.63
N GLY C 131 8.34 19.66 11.69
CA GLY C 131 7.75 19.62 13.04
C GLY C 131 6.62 20.59 13.19
N SER C 132 6.76 21.72 12.52
CA SER C 132 5.74 22.75 12.48
C SER C 132 4.42 22.24 11.88
N LEU C 133 4.54 21.45 10.82
CA LEU C 133 3.41 20.90 10.11
C LEU C 133 2.82 19.71 10.87
N VAL C 134 3.66 18.95 11.54
CA VAL C 134 3.18 17.86 12.35
C VAL C 134 2.31 18.44 13.46
N ARG C 135 2.74 19.55 14.03
CA ARG C 135 1.97 20.22 15.05
C ARG C 135 0.66 20.83 14.56
N ALA C 136 0.69 21.43 13.39
CA ALA C 136 -0.52 22.00 12.80
C ALA C 136 -1.50 20.89 12.51
N HIS C 137 -0.99 19.74 12.07
CA HIS C 137 -1.85 18.65 11.72
C HIS C 137 -2.56 18.15 12.95
N LYS C 138 -1.78 17.96 14.01
CA LYS C 138 -2.33 17.57 15.27
C LYS C 138 -3.40 18.57 15.72
N HIS C 139 -3.21 19.85 15.46
CA HIS C 139 -4.21 20.85 15.84
C HIS C 139 -5.51 20.65 15.04
N LEU C 140 -5.44 20.31 13.76
CA LEU C 140 -6.68 20.14 13.01
C LEU C 140 -7.32 18.82 13.37
N GLU C 141 -6.50 17.78 13.47
CA GLU C 141 -6.96 16.54 14.04
C GLU C 141 -7.79 16.82 15.26
N THR C 142 -7.31 17.69 16.13
CA THR C 142 -7.94 17.91 17.40
C THR C 142 -9.18 18.77 17.29
N LEU C 143 -9.17 19.81 16.49
CA LEU C 143 -10.42 20.57 16.36
C LEU C 143 -11.48 19.72 15.68
N LEU C 144 -11.07 18.84 14.78
CA LEU C 144 -12.05 18.02 14.14
C LEU C 144 -12.65 17.07 15.16
N GLU C 145 -11.83 16.32 15.90
CA GLU C 145 -12.39 15.35 16.82
C GLU C 145 -13.28 16.03 17.82
N VAL C 146 -12.96 17.26 18.17
CA VAL C 146 -13.71 17.90 19.21
C VAL C 146 -15.04 18.42 18.70
N LEU C 147 -15.08 18.79 17.44
CA LEU C 147 -16.21 19.51 16.94
C LEU C 147 -17.25 18.52 16.43
N VAL C 148 -16.79 17.39 15.93
CA VAL C 148 -17.68 16.33 15.47
C VAL C 148 -18.30 15.66 16.69
N THR C 149 -17.56 15.63 17.79
CA THR C 149 -18.06 15.04 19.01
C THR C 149 -19.19 15.90 19.55
N LEU C 150 -18.95 17.20 19.66
CA LEU C 150 -20.01 18.11 20.07
C LEU C 150 -21.24 18.06 19.19
N SER C 151 -21.02 17.79 17.90
CA SER C 151 -22.08 17.62 16.93
C SER C 151 -22.80 16.32 17.14
N GLN C 152 -22.11 15.20 17.00
CA GLN C 152 -22.68 13.86 17.21
C GLN C 152 -23.27 13.75 18.62
N GLN C 153 -24.39 14.44 18.88
CA GLN C 153 -25.07 14.45 20.19
C GLN C 153 -25.82 15.76 20.41
N GLY C 154 -25.19 16.86 20.01
CA GLY C 154 -25.75 18.19 20.26
C GLY C 154 -26.59 18.68 19.08
N GLN C 155 -27.82 18.14 18.98
CA GLN C 155 -28.83 18.56 17.99
C GLN C 155 -28.28 18.43 16.59
N PRO C 156 -29.09 18.74 15.54
CA PRO C 156 -28.43 18.74 14.24
C PRO C 156 -27.43 19.90 14.16
N VAL C 157 -26.44 19.76 13.29
CA VAL C 157 -25.36 20.72 13.14
C VAL C 157 -25.80 21.91 12.29
N SER C 158 -25.42 23.14 12.63
CA SER C 158 -25.77 24.27 11.77
C SER C 158 -25.01 24.18 10.47
N SER C 159 -25.46 24.91 9.46
CA SER C 159 -24.80 24.84 8.20
C SER C 159 -23.49 25.58 8.22
N GLU C 160 -23.34 26.55 9.10
CA GLU C 160 -22.07 27.24 9.20
C GLU C 160 -20.98 26.29 9.69
N THR C 161 -21.33 25.50 10.70
CA THR C 161 -20.47 24.48 11.30
C THR C 161 -20.20 23.30 10.38
N TYR C 162 -21.22 22.77 9.75
CA TYR C 162 -21.00 21.76 8.71
C TYR C 162 -20.01 22.31 7.69
N GLY C 163 -20.19 23.56 7.30
CA GLY C 163 -19.33 24.17 6.30
C GLY C 163 -17.93 24.29 6.83
N PHE C 164 -17.76 24.60 8.11
CA PHE C 164 -16.44 24.70 8.70
C PHE C 164 -15.80 23.34 8.77
N LEU C 165 -16.57 22.38 9.27
CA LEU C 165 -16.12 21.02 9.39
C LEU C 165 -15.54 20.49 8.13
N ASN C 166 -16.17 20.74 7.01
CA ASN C 166 -15.65 20.23 5.75
C ASN C 166 -14.38 20.99 5.43
N ARG C 167 -14.34 22.29 5.67
CA ARG C 167 -13.14 23.06 5.39
C ARG C 167 -11.91 22.58 6.19
N LEU C 168 -12.15 22.27 7.46
CA LEU C 168 -11.24 21.54 8.32
C LEU C 168 -10.75 20.21 7.73
N ALA C 169 -11.65 19.34 7.29
CA ALA C 169 -11.24 18.06 6.72
C ALA C 169 -10.41 18.23 5.45
N GLU C 170 -10.67 19.29 4.70
CA GLU C 170 -9.93 19.46 3.46
C GLU C 170 -8.56 19.98 3.77
N ALA C 171 -8.47 20.78 4.82
CA ALA C 171 -7.21 21.31 5.27
C ALA C 171 -6.33 20.18 5.84
N LYS C 172 -6.93 19.29 6.63
CA LYS C 172 -6.20 18.24 7.27
C LYS C 172 -5.64 17.27 6.24
N ILE C 173 -6.38 16.96 5.18
CA ILE C 173 -5.91 15.99 4.20
C ILE C 173 -4.91 16.62 3.21
N THR C 174 -5.07 17.88 2.85
CA THR C 174 -4.07 18.55 2.03
C THR C 174 -2.77 18.58 2.81
N LEU C 175 -2.88 18.90 4.10
CA LEU C 175 -1.70 19.01 4.95
C LEU C 175 -1.00 17.66 5.15
N SER C 176 -1.74 16.57 5.31
CA SER C 176 -1.15 15.25 5.46
C SER C 176 -0.41 14.92 4.22
N GLN C 177 -0.94 15.35 3.09
CA GLN C 177 -0.33 15.05 1.81
C GLN C 177 1.00 15.78 1.63
N GLN C 178 1.10 17.02 2.04
CA GLN C 178 2.36 17.77 1.95
C GLN C 178 3.41 17.21 2.92
N LEU C 179 2.99 16.98 4.15
CA LEU C 179 3.84 16.41 5.19
C LEU C 179 4.43 15.06 4.83
N ASN C 180 3.65 14.28 4.10
CA ASN C 180 4.13 13.02 3.65
C ASN C 180 5.06 13.16 2.48
N THR C 181 4.83 14.17 1.68
CA THR C 181 5.76 14.44 0.62
C THR C 181 7.10 14.86 1.23
N LEU C 182 7.06 15.64 2.28
CA LEU C 182 8.25 16.21 2.86
C LEU C 182 9.12 15.16 3.57
N GLN C 183 8.48 14.17 4.16
CA GLN C 183 9.19 13.19 4.91
C GLN C 183 9.66 12.15 3.96
N GLN C 184 8.86 11.90 2.95
CA GLN C 184 9.25 11.00 1.88
C GLN C 184 10.51 11.52 1.19
N GLN C 185 10.56 12.82 0.91
CA GLN C 185 11.72 13.44 0.29
C GLN C 185 12.91 13.43 1.21
N GLN C 186 12.68 13.50 2.51
CA GLN C 186 13.80 13.58 3.42
C GLN C 186 14.44 12.22 3.53
N GLU C 187 13.60 11.19 3.62
CA GLU C 187 14.09 9.82 3.65
C GLU C 187 14.97 9.50 2.46
N SER C 188 14.68 10.09 1.33
CA SER C 188 15.46 9.82 0.16
C SER C 188 16.70 10.65 0.11
N ALA C 189 16.76 11.72 0.88
CA ALA C 189 17.99 12.50 1.02
C ALA C 189 18.87 11.72 1.97
N LYS C 190 18.35 11.31 3.14
CA LYS C 190 19.08 10.39 4.05
C LYS C 190 19.67 9.23 3.28
N ALA C 191 18.90 8.68 2.37
CA ALA C 191 19.33 7.51 1.64
C ALA C 191 20.44 7.88 0.69
N GLN C 192 20.25 8.95 -0.06
CA GLN C 192 21.26 9.40 -0.99
C GLN C 192 22.54 9.74 -0.24
N LEU C 193 22.39 10.37 0.94
CA LEU C 193 23.53 10.74 1.73
C LEU C 193 24.42 9.57 2.02
N SER C 194 23.84 8.41 2.31
CA SER C 194 24.67 7.36 2.84
C SER C 194 25.18 6.47 1.74
N ILE C 195 24.54 6.47 0.60
CA ILE C 195 25.21 5.95 -0.58
C ILE C 195 26.47 6.79 -0.83
N LEU C 196 26.34 8.11 -1.00
CA LEU C 196 27.54 8.90 -1.26
C LEU C 196 28.59 8.77 -0.15
N ILE C 197 28.21 8.80 1.13
CA ILE C 197 29.25 8.62 2.14
C ILE C 197 29.97 7.28 1.97
N ASN C 198 29.21 6.22 1.67
CA ASN C 198 29.76 4.86 1.58
C ASN C 198 30.69 4.69 0.42
N ARG C 199 30.40 5.38 -0.67
CA ARG C 199 31.14 5.25 -1.90
C ARG C 199 32.43 6.04 -1.87
N SER C 200 32.45 7.08 -1.04
CA SER C 200 33.51 8.11 -1.08
C SER C 200 34.80 7.36 -0.66
N GLY C 201 34.55 6.42 0.28
CA GLY C 201 35.58 5.97 0.99
C GLY C 201 36.46 4.89 0.42
N SER C 202 36.04 4.23 -0.63
CA SER C 202 37.21 3.95 -1.55
C SER C 202 38.34 5.08 -1.55
N TRP C 203 38.07 6.38 -1.60
CA TRP C 203 39.30 7.25 -1.75
C TRP C 203 39.45 8.40 -0.82
N ALA C 204 38.42 8.66 -0.03
CA ALA C 204 38.56 9.55 1.14
C ALA C 204 39.98 9.59 1.74
N ASP C 205 40.51 8.42 1.97
CA ASP C 205 41.75 8.23 2.72
C ASP C 205 42.99 8.67 1.98
N VAL C 206 43.27 7.99 0.89
CA VAL C 206 44.28 8.44 -0.05
C VAL C 206 44.18 9.92 -0.34
N ALA C 207 42.98 10.43 -0.48
CA ALA C 207 42.86 11.77 -1.03
C ALA C 207 43.05 12.83 0.02
N ARG C 208 42.43 12.62 1.16
CA ARG C 208 42.69 13.50 2.30
C ARG C 208 44.20 13.65 2.58
N GLN C 209 44.90 12.53 2.60
CA GLN C 209 46.28 12.56 3.00
C GLN C 209 47.15 13.16 1.96
N SER C 210 46.86 12.87 0.70
CA SER C 210 47.49 13.57 -0.41
C SER C 210 47.34 15.05 -0.25
N LEU C 211 46.12 15.49 -0.04
CA LEU C 211 45.88 16.90 0.06
C LEU C 211 46.62 17.51 1.23
N GLN C 212 46.74 16.76 2.33
CA GLN C 212 47.48 17.23 3.52
C GLN C 212 48.95 17.44 3.23
N ARG C 213 49.52 16.55 2.42
CA ARG C 213 50.90 16.67 1.98
C ARG C 213 51.12 17.85 1.03
N PHE C 214 50.18 18.05 0.12
CA PHE C 214 50.25 19.17 -0.79
C PHE C 214 50.16 20.52 -0.07
N ASP C 215 49.31 20.59 0.94
CA ASP C 215 49.04 21.86 1.60
C ASP C 215 50.19 22.26 2.51
N SER C 216 50.86 21.25 3.06
CA SER C 216 51.94 21.48 3.97
C SER C 216 53.23 21.94 3.29
N THR C 217 53.27 22.03 1.96
CA THR C 217 54.54 22.30 1.28
C THR C 217 54.34 23.20 0.07
N ARG C 218 54.52 24.52 0.24
CA ARG C 218 54.17 25.49 -0.83
C ARG C 218 54.59 26.98 -0.60
N PRO C 219 55.80 27.36 -1.07
CA PRO C 219 56.25 28.76 -0.90
C PRO C 219 55.42 29.79 -1.67
N TYR C 228 55.56 34.65 -8.56
CA TYR C 228 56.75 35.06 -7.84
C TYR C 228 57.89 35.15 -8.84
N THR C 229 58.21 34.01 -9.44
CA THR C 229 58.97 33.99 -10.67
C THR C 229 58.47 32.80 -11.52
N ALA C 230 58.85 32.85 -12.79
CA ALA C 230 58.75 31.74 -13.71
C ALA C 230 59.02 30.43 -13.00
N ILE C 231 60.22 30.30 -12.47
CA ILE C 231 60.67 29.03 -11.90
C ILE C 231 59.83 28.60 -10.68
N HIS C 232 59.35 29.51 -9.84
CA HIS C 232 58.43 29.13 -8.74
C HIS C 232 57.14 28.52 -9.25
N ARG C 233 56.76 28.90 -10.47
CA ARG C 233 55.49 28.47 -11.04
C ARG C 233 55.64 27.04 -11.54
N GLN C 234 56.76 26.77 -12.20
CA GLN C 234 57.12 25.39 -12.53
C GLN C 234 57.20 24.47 -11.34
N MET C 235 57.65 24.99 -10.21
CA MET C 235 57.81 24.14 -9.03
C MET C 235 56.49 23.80 -8.43
N MET C 236 55.61 24.78 -8.33
CA MET C 236 54.28 24.50 -7.77
C MET C 236 53.46 23.60 -8.69
N ALA C 237 53.61 23.82 -10.00
CA ALA C 237 53.07 22.90 -11.01
C ALA C 237 53.46 21.50 -10.71
N ALA C 238 54.77 21.29 -10.56
CA ALA C 238 55.30 19.93 -10.27
C ALA C 238 54.70 19.36 -9.03
N HIS C 239 54.63 20.11 -7.94
CA HIS C 239 54.04 19.61 -6.72
C HIS C 239 52.60 19.12 -6.95
N ALA C 240 51.85 19.87 -7.75
CA ALA C 240 50.44 19.53 -8.00
C ALA C 240 50.31 18.28 -8.84
N ALA C 241 51.07 18.23 -9.94
CA ALA C 241 51.20 16.99 -10.73
C ALA C 241 51.56 15.75 -9.88
N ILE C 242 52.44 15.90 -8.89
CA ILE C 242 52.71 14.76 -8.02
C ILE C 242 51.43 14.33 -7.27
N THR C 243 50.77 15.30 -6.68
CA THR C 243 49.56 15.02 -5.95
C THR C 243 48.46 14.40 -6.81
N LEU C 244 48.25 14.94 -8.00
CA LEU C 244 47.29 14.40 -8.96
C LEU C 244 47.58 12.95 -9.28
N GLN C 245 48.82 12.66 -9.64
CA GLN C 245 49.31 11.26 -9.73
C GLN C 245 48.95 10.39 -8.52
N GLU C 246 49.29 10.82 -7.31
CA GLU C 246 48.99 10.01 -6.13
C GLU C 246 47.53 9.50 -6.07
N VAL C 247 46.58 10.30 -6.58
CA VAL C 247 45.17 9.97 -6.53
C VAL C 247 44.61 9.69 -7.90
N SER C 248 45.43 9.21 -8.82
CA SER C 248 45.03 9.09 -10.23
C SER C 248 44.06 7.91 -10.42
N GLU C 249 44.23 6.87 -9.64
CA GLU C 249 43.16 5.88 -9.52
C GLU C 249 41.72 6.44 -9.22
N PHE C 250 41.53 7.70 -8.81
CA PHE C 250 40.21 8.24 -8.45
C PHE C 250 39.80 9.58 -9.08
N THR C 251 40.72 10.19 -9.79
CA THR C 251 40.34 11.30 -10.64
C THR C 251 38.90 11.28 -11.14
N ASP C 252 38.54 10.17 -11.77
CA ASP C 252 37.19 9.93 -12.32
C ASP C 252 36.13 9.87 -11.26
N ASP C 253 36.35 9.03 -10.28
CA ASP C 253 35.41 8.94 -9.21
C ASP C 253 35.16 10.31 -8.60
N MET C 254 36.19 11.14 -8.44
CA MET C 254 36.01 12.38 -7.71
C MET C 254 35.31 13.42 -8.59
N ARG C 255 35.53 13.44 -9.92
CA ARG C 255 34.65 14.17 -10.81
C ARG C 255 33.22 13.78 -10.51
N ASN C 256 32.91 12.50 -10.61
CA ASN C 256 31.50 12.08 -10.55
C ASN C 256 30.85 12.36 -9.22
N PHE C 257 31.62 12.19 -8.15
CA PHE C 257 31.15 12.48 -6.83
C PHE C 257 30.61 13.90 -6.73
N THR C 258 31.41 14.91 -7.02
CA THR C 258 30.94 16.25 -6.81
C THR C 258 29.68 16.59 -7.69
N VAL C 259 29.58 15.99 -8.85
CA VAL C 259 28.39 16.10 -9.67
C VAL C 259 27.17 15.61 -8.88
N ASP C 260 27.30 14.45 -8.24
CA ASP C 260 26.23 13.94 -7.42
C ASP C 260 26.03 14.71 -6.12
N SER C 261 27.09 15.17 -5.50
CA SER C 261 27.00 15.61 -4.11
C SER C 261 26.73 17.10 -3.94
N ILE C 262 27.21 17.92 -4.87
CA ILE C 262 26.90 19.35 -4.79
C ILE C 262 25.39 19.68 -4.76
N PRO C 263 24.58 19.11 -5.66
CA PRO C 263 23.16 19.42 -5.56
C PRO C 263 22.50 18.98 -4.26
N LEU C 264 22.83 17.77 -3.81
CA LEU C 264 22.33 17.30 -2.54
C LEU C 264 22.64 18.29 -1.43
N LEU C 265 23.82 18.88 -1.49
CA LEU C 265 24.24 19.80 -0.45
C LEU C 265 23.49 21.12 -0.53
N ILE C 266 23.13 21.51 -1.75
CA ILE C 266 22.36 22.70 -1.98
C ILE C 266 20.94 22.45 -1.44
N GLN C 267 20.37 21.31 -1.79
CA GLN C 267 19.08 20.96 -1.23
C GLN C 267 19.14 20.93 0.32
N LEU C 268 20.03 20.14 0.92
CA LEU C 268 20.10 20.09 2.39
C LEU C 268 20.48 21.40 3.07
N GLY C 269 21.05 22.34 2.29
CA GLY C 269 21.50 23.64 2.83
C GLY C 269 22.31 23.59 4.13
N ARG C 270 22.32 24.70 4.84
CA ARG C 270 23.15 24.82 6.02
C ARG C 270 22.41 25.03 7.34
N SER C 271 21.15 24.62 7.43
CA SER C 271 20.31 24.96 8.59
C SER C 271 20.60 24.03 9.76
N SER C 272 20.56 24.56 10.99
CA SER C 272 20.72 23.75 12.21
C SER C 272 19.50 22.90 12.55
N LEU C 273 18.40 23.15 11.86
CA LEU C 273 17.08 22.62 12.23
C LEU C 273 16.65 21.44 11.40
N MET C 274 17.24 20.28 11.62
CA MET C 274 16.70 19.07 10.99
C MET C 274 17.11 17.90 11.85
N ASP C 275 16.69 16.70 11.48
CA ASP C 275 17.15 15.49 12.20
C ASP C 275 18.67 15.60 12.45
N GLU C 276 19.07 15.33 13.68
CA GLU C 276 20.44 15.50 14.14
C GLU C 276 21.40 14.59 13.34
N HIS C 277 20.99 13.35 13.12
CA HIS C 277 21.83 12.41 12.39
C HIS C 277 21.97 12.86 10.96
N LEU C 278 20.96 13.56 10.46
CA LEU C 278 20.97 14.02 9.08
C LEU C 278 21.92 15.20 8.88
N VAL C 279 22.04 16.11 9.85
CA VAL C 279 23.02 17.19 9.69
C VAL C 279 24.44 16.66 9.91
N GLU C 280 24.55 15.57 10.69
CA GLU C 280 25.83 14.88 10.89
C GLU C 280 26.37 14.34 9.57
N GLN C 281 25.56 13.47 8.95
CA GLN C 281 25.83 12.90 7.66
C GLN C 281 26.04 14.01 6.64
N ARG C 282 25.28 15.09 6.77
CA ARG C 282 25.35 16.21 5.86
C ARG C 282 26.71 16.88 5.95
N GLU C 283 27.17 17.11 7.17
CA GLU C 283 28.45 17.78 7.35
C GLU C 283 29.62 16.86 6.98
N LYS C 284 29.42 15.55 7.15
CA LYS C 284 30.41 14.58 6.72
C LYS C 284 30.55 14.64 5.20
N LEU C 285 29.46 14.86 4.49
CA LEU C 285 29.48 14.89 3.05
C LEU C 285 30.13 16.17 2.51
N ARG C 286 29.90 17.29 3.21
CA ARG C 286 30.54 18.55 2.88
C ARG C 286 32.08 18.46 2.99
N GLU C 287 32.58 17.79 4.02
CA GLU C 287 34.02 17.63 4.16
C GLU C 287 34.58 16.79 2.98
N LEU C 288 33.95 15.65 2.74
CA LEU C 288 34.32 14.83 1.61
C LEU C 288 34.30 15.59 0.30
N THR C 289 33.28 16.41 0.09
CA THR C 289 33.11 17.15 -1.15
C THR C 289 34.17 18.25 -1.40
N THR C 290 34.57 18.94 -0.36
CA THR C 290 35.63 19.92 -0.39
C THR C 290 36.99 19.28 -0.73
N ILE C 291 37.29 18.09 -0.20
CA ILE C 291 38.42 17.28 -0.72
C ILE C 291 38.35 17.05 -2.26
N ALA C 292 37.31 16.40 -2.76
CA ALA C 292 37.24 16.12 -4.22
C ALA C 292 37.32 17.37 -5.05
N GLU C 293 36.69 18.42 -4.56
CA GLU C 293 36.54 19.60 -5.36
C GLU C 293 37.91 20.25 -5.44
N ARG C 294 38.72 20.17 -4.37
CA ARG C 294 40.09 20.66 -4.41
C ARG C 294 40.92 19.92 -5.46
N LEU C 295 40.79 18.60 -5.45
CA LEU C 295 41.57 17.77 -6.34
C LEU C 295 41.07 17.86 -7.74
N ASN C 296 39.77 18.04 -7.93
CA ASN C 296 39.24 18.26 -9.27
C ASN C 296 39.69 19.64 -9.81
N ARG C 297 40.06 20.58 -8.94
CA ARG C 297 40.44 21.94 -9.37
C ARG C 297 41.94 22.12 -9.52
N LEU C 298 42.66 21.24 -8.82
CA LEU C 298 44.10 21.38 -8.61
C LEU C 298 44.95 21.71 -9.85
N GLU C 299 44.59 21.12 -10.98
CA GLU C 299 45.33 21.29 -12.18
C GLU C 299 45.09 22.66 -12.77
N ARG C 300 43.84 23.09 -12.87
CA ARG C 300 43.61 24.36 -13.49
C ARG C 300 44.05 25.51 -12.56
N GLU C 301 44.24 25.18 -11.30
CA GLU C 301 44.68 26.12 -10.27
C GLU C 301 46.17 26.38 -10.16
N TRP C 302 46.98 25.37 -10.48
CA TRP C 302 48.40 25.40 -10.19
C TRP C 302 49.25 25.06 -11.37
N MET C 303 48.70 24.24 -12.27
CA MET C 303 49.30 24.03 -13.57
C MET C 303 48.71 25.04 -14.57
N THR D 12 -17.37 -36.07 7.35
CA THR D 12 -18.54 -36.44 8.20
C THR D 12 -19.14 -35.19 8.84
N PRO D 13 -20.46 -34.98 8.68
CA PRO D 13 -21.08 -33.85 9.38
C PRO D 13 -20.90 -33.89 10.90
N LYS D 14 -20.65 -35.08 11.44
CA LYS D 14 -20.77 -35.33 12.88
C LYS D 14 -19.45 -35.68 13.59
N LYS D 15 -18.31 -35.59 12.90
CA LYS D 15 -17.02 -35.79 13.57
C LYS D 15 -16.16 -34.53 13.63
N LEU D 16 -16.56 -33.51 12.86
CA LEU D 16 -15.80 -32.26 12.82
C LEU D 16 -16.12 -31.38 14.04
N ARG D 17 -17.30 -31.60 14.62
CA ARG D 17 -17.68 -30.89 15.82
C ARG D 17 -16.77 -31.34 16.96
N GLU D 18 -16.29 -32.58 16.88
CA GLU D 18 -15.29 -33.14 17.81
C GLU D 18 -13.85 -32.74 17.44
N LEU D 19 -13.62 -32.48 16.16
CA LEU D 19 -12.38 -31.84 15.71
C LEU D 19 -12.23 -30.46 16.38
N SER D 20 -13.34 -29.71 16.42
CA SER D 20 -13.43 -28.47 17.20
C SER D 20 -12.92 -28.68 18.61
N ASP D 21 -13.39 -29.77 19.21
CA ASP D 21 -13.07 -30.11 20.57
C ASP D 21 -11.70 -30.74 20.66
N LEU D 22 -11.18 -31.23 19.54
CA LEU D 22 -9.81 -31.78 19.49
C LEU D 22 -8.78 -30.66 19.73
N LEU D 23 -9.06 -29.51 19.11
CA LEU D 23 -8.22 -28.33 19.25
C LEU D 23 -8.49 -27.61 20.56
N ARG D 24 -9.77 -27.48 20.88
CA ARG D 24 -10.21 -26.87 22.12
C ARG D 24 -9.44 -27.44 23.32
N THR D 25 -9.13 -28.73 23.26
CA THR D 25 -8.24 -29.37 24.25
C THR D 25 -6.80 -28.87 24.13
N HIS D 26 -6.30 -28.82 22.89
CA HIS D 26 -5.00 -28.19 22.60
C HIS D 26 -4.96 -26.75 23.15
N LEU D 27 -6.07 -26.03 22.95
CA LEU D 27 -6.26 -24.67 23.47
C LEU D 27 -6.17 -24.58 25.01
N SER D 28 -6.92 -25.43 25.70
CA SER D 28 -6.88 -25.44 27.18
C SER D 28 -5.55 -25.98 27.72
N SER D 29 -5.01 -27.00 27.07
CA SER D 29 -3.71 -27.53 27.44
C SER D 29 -2.58 -26.58 27.01
N ALA D 30 -2.88 -25.57 26.19
CA ALA D 30 -1.96 -24.45 25.99
C ALA D 30 -1.99 -23.56 27.24
N ALA D 31 -3.19 -23.13 27.62
CA ALA D 31 -3.40 -22.20 28.73
C ALA D 31 -2.60 -22.57 29.98
N THR D 32 -2.53 -23.88 30.28
CA THR D 32 -1.75 -24.41 31.42
C THR D 32 -0.32 -24.90 31.05
N LYS D 33 0.22 -24.39 29.94
CA LYS D 33 1.52 -24.83 29.35
C LYS D 33 1.75 -26.37 29.35
N GLN D 34 1.00 -27.04 28.48
CA GLN D 34 1.09 -28.48 28.20
C GLN D 34 1.01 -28.70 26.69
N LEU D 35 1.42 -27.70 25.91
CA LEU D 35 1.09 -27.69 24.47
C LEU D 35 1.93 -28.71 23.67
N ASP D 36 1.22 -29.66 23.03
CA ASP D 36 1.86 -30.65 22.17
C ASP D 36 1.93 -30.07 20.76
N MET D 37 3.11 -29.51 20.47
CA MET D 37 3.33 -28.64 19.33
C MET D 37 3.11 -29.39 18.03
N GLY D 38 3.68 -30.59 17.95
CA GLY D 38 3.49 -31.44 16.77
C GLY D 38 2.07 -31.98 16.62
N GLY D 39 1.49 -32.43 17.73
CA GLY D 39 0.09 -32.81 17.78
C GLY D 39 -0.83 -31.76 17.15
N VAL D 40 -0.90 -30.58 17.77
CA VAL D 40 -1.87 -29.54 17.39
C VAL D 40 -1.82 -29.15 15.91
N LEU D 41 -0.60 -29.03 15.42
CA LEU D 41 -0.32 -28.75 14.02
C LEU D 41 -0.81 -29.86 13.13
N SER D 42 -0.46 -31.08 13.50
CA SER D 42 -0.91 -32.25 12.79
C SER D 42 -2.44 -32.31 12.71
N ASP D 43 -3.12 -31.97 13.80
CA ASP D 43 -4.59 -32.04 13.82
C ASP D 43 -5.13 -30.90 12.96
N LEU D 44 -4.52 -29.73 13.10
CA LEU D 44 -4.81 -28.58 12.22
C LEU D 44 -4.65 -28.92 10.75
N ASP D 45 -3.64 -29.70 10.44
CA ASP D 45 -3.51 -30.25 9.09
C ASP D 45 -4.73 -31.13 8.74
N THR D 46 -5.16 -31.96 9.69
CA THR D 46 -6.36 -32.78 9.52
C THR D 46 -7.64 -31.96 9.35
N MET D 47 -7.87 -30.98 10.23
CA MET D 47 -9.07 -30.12 10.15
C MET D 47 -9.22 -29.63 8.73
N LEU D 48 -8.14 -29.06 8.22
CA LEU D 48 -8.10 -28.39 6.93
C LEU D 48 -8.47 -29.31 5.77
N VAL D 49 -8.01 -30.56 5.82
CA VAL D 49 -8.32 -31.54 4.76
C VAL D 49 -9.80 -31.90 4.76
N ALA D 50 -10.33 -32.14 5.97
CA ALA D 50 -11.74 -32.37 6.16
C ALA D 50 -12.52 -31.13 5.71
N LEU D 51 -12.30 -30.02 6.40
CA LEU D 51 -12.98 -28.76 6.08
C LEU D 51 -12.93 -28.49 4.58
N ASP D 52 -11.82 -28.88 3.94
CA ASP D 52 -11.69 -28.72 2.49
C ASP D 52 -12.68 -29.60 1.73
N LYS D 53 -12.71 -30.89 2.06
CA LYS D 53 -13.68 -31.80 1.47
C LYS D 53 -15.10 -31.38 1.84
N ALA D 54 -15.31 -30.99 3.09
CA ALA D 54 -16.59 -30.41 3.52
C ALA D 54 -16.94 -29.13 2.72
N GLU D 55 -15.91 -28.38 2.30
CA GLU D 55 -16.11 -27.17 1.45
C GLU D 55 -16.46 -27.51 -0.02
N ARG D 56 -16.43 -28.81 -0.38
CA ARG D 56 -16.57 -29.24 -1.78
C ARG D 56 -17.69 -30.28 -1.99
N GLU D 57 -18.92 -29.80 -1.87
CA GLU D 57 -20.12 -30.53 -2.33
C GLU D 57 -21.36 -29.66 -2.18
N VAL D 60 -25.69 -30.19 5.12
CA VAL D 60 -24.67 -30.15 6.16
C VAL D 60 -24.48 -28.67 6.58
N ASP D 61 -23.84 -28.44 7.73
CA ASP D 61 -23.84 -27.12 8.39
C ASP D 61 -22.71 -26.19 7.98
N LYS D 62 -22.77 -25.74 6.74
CA LYS D 62 -21.77 -24.83 6.15
C LYS D 62 -21.81 -23.44 6.80
N ASP D 63 -22.98 -23.04 7.29
CA ASP D 63 -23.11 -21.86 8.17
C ASP D 63 -22.31 -21.99 9.49
N GLN D 64 -21.45 -23.02 9.57
CA GLN D 64 -20.46 -23.12 10.61
C GLN D 64 -19.07 -23.11 9.99
N LEU D 65 -19.03 -22.84 8.68
CA LEU D 65 -17.76 -22.69 7.96
C LEU D 65 -16.97 -21.50 8.53
N LYS D 66 -17.67 -20.41 8.83
CA LYS D 66 -17.03 -19.22 9.42
C LYS D 66 -16.70 -19.45 10.90
N SER D 67 -17.52 -20.25 11.60
CA SER D 67 -17.22 -20.60 13.00
C SER D 67 -16.01 -21.56 13.07
N PHE D 68 -15.90 -22.44 12.07
CA PHE D 68 -14.78 -23.37 12.01
C PHE D 68 -13.48 -22.59 11.71
N ASN D 69 -13.53 -21.81 10.63
CA ASN D 69 -12.49 -20.83 10.33
C ASN D 69 -12.09 -20.11 11.61
N SER D 70 -13.09 -19.52 12.27
CA SER D 70 -12.88 -18.68 13.45
C SER D 70 -11.97 -19.37 14.47
N LEU D 71 -12.26 -20.64 14.74
CA LEU D 71 -11.52 -21.43 15.71
C LEU D 71 -10.07 -21.58 15.26
N ILE D 72 -9.91 -22.17 14.09
CA ILE D 72 -8.62 -22.30 13.42
C ILE D 72 -7.71 -21.04 13.61
N LEU D 73 -8.28 -19.84 13.49
CA LEU D 73 -7.51 -18.59 13.67
C LEU D 73 -7.03 -18.40 15.10
N LYS D 74 -7.93 -18.63 16.05
CA LYS D 74 -7.67 -18.47 17.47
C LYS D 74 -6.65 -19.48 17.98
N THR D 75 -6.57 -20.62 17.31
CA THR D 75 -5.59 -21.69 17.62
C THR D 75 -4.18 -21.23 17.23
N TYR D 76 -3.99 -21.01 15.93
CA TYR D 76 -2.81 -20.34 15.41
C TYR D 76 -2.46 -19.26 16.43
N ARG D 77 -3.38 -18.31 16.56
CA ARG D 77 -3.18 -17.11 17.34
C ARG D 77 -2.45 -17.36 18.65
N VAL D 78 -2.91 -18.31 19.46
CA VAL D 78 -2.36 -18.47 20.82
C VAL D 78 -0.86 -18.87 20.85
N ILE D 79 -0.44 -19.61 19.83
CA ILE D 79 0.95 -20.09 19.74
C ILE D 79 1.82 -18.91 19.28
N GLU D 80 1.43 -18.36 18.14
CA GLU D 80 2.05 -17.14 17.59
C GLU D 80 1.86 -15.92 18.53
N ASP D 81 0.82 -15.93 19.38
CA ASP D 81 0.68 -14.92 20.45
C ASP D 81 1.84 -15.09 21.42
N TYR D 82 1.99 -16.28 22.00
CA TYR D 82 3.09 -16.51 22.94
C TYR D 82 3.57 -17.98 23.03
N VAL D 83 4.83 -18.19 22.64
CA VAL D 83 5.57 -19.46 22.86
C VAL D 83 7.05 -19.16 22.80
N ASN D 104 12.86 -30.64 16.35
CA ASN D 104 13.14 -32.08 16.35
C ASN D 104 11.82 -32.85 16.27
N PHE D 105 11.01 -32.50 15.27
CA PHE D 105 9.70 -33.13 15.01
C PHE D 105 9.19 -32.91 13.57
N MET D 106 9.53 -31.76 12.99
CA MET D 106 9.19 -31.39 11.60
C MET D 106 9.16 -32.48 10.53
N LEU D 107 10.11 -33.40 10.59
CA LEU D 107 10.32 -34.45 9.57
C LEU D 107 8.98 -35.03 9.08
N SER D 108 8.33 -35.85 9.92
CA SER D 108 7.01 -36.40 9.57
C SER D 108 5.84 -35.46 9.91
N ILE D 109 6.06 -34.46 10.77
CA ILE D 109 4.96 -33.68 11.33
C ILE D 109 4.38 -32.64 10.36
N VAL D 110 5.23 -31.74 9.92
CA VAL D 110 4.79 -30.61 9.14
C VAL D 110 5.14 -30.76 7.67
N GLU D 111 6.03 -31.70 7.37
CA GLU D 111 6.33 -32.07 6.00
C GLU D 111 5.08 -32.50 5.22
N PRO D 112 4.16 -33.23 5.87
CA PRO D 112 2.86 -33.53 5.26
C PRO D 112 2.13 -32.28 4.82
N SER D 113 1.93 -31.34 5.74
CA SER D 113 1.23 -30.08 5.43
C SER D 113 1.73 -29.54 4.11
N LEU D 114 3.04 -29.31 4.05
CA LEU D 114 3.68 -28.60 2.95
C LEU D 114 3.60 -29.36 1.62
N GLN D 115 4.00 -30.63 1.61
CA GLN D 115 3.98 -31.41 0.37
C GLN D 115 2.54 -31.50 -0.15
N ARG D 116 1.58 -31.48 0.78
CA ARG D 116 0.15 -31.43 0.45
C ARG D 116 -0.28 -30.05 -0.08
N ILE D 117 0.24 -28.99 0.52
CA ILE D 117 -0.06 -27.66 0.03
C ILE D 117 0.73 -27.33 -1.24
N GLN D 118 1.94 -27.89 -1.39
CA GLN D 118 2.66 -27.78 -2.66
C GLN D 118 1.71 -28.24 -3.76
N LYS D 119 0.97 -29.33 -3.48
CA LYS D 119 0.05 -29.96 -4.42
C LYS D 119 -1.09 -29.01 -4.86
N HIS D 120 -1.49 -28.11 -3.97
CA HIS D 120 -2.46 -27.08 -4.31
C HIS D 120 -1.93 -26.11 -5.32
N LEU D 121 -0.62 -25.84 -5.28
CA LEU D 121 -0.03 -24.86 -6.16
C LEU D 121 0.05 -25.39 -7.59
N ASP D 122 -0.20 -26.67 -7.77
CA ASP D 122 -0.13 -27.32 -9.08
C ASP D 122 -1.45 -27.16 -9.84
N GLN D 123 -2.53 -27.05 -9.07
CA GLN D 123 -3.59 -26.06 -9.28
C GLN D 123 -4.65 -26.24 -10.34
N THR D 124 -4.80 -25.20 -11.17
CA THR D 124 -6.03 -24.78 -11.81
C THR D 124 -7.11 -24.55 -10.75
N HIS D 125 -7.19 -23.31 -10.28
CA HIS D 125 -8.21 -22.88 -9.31
C HIS D 125 -9.35 -22.10 -9.95
N SER D 126 -10.50 -22.21 -9.32
CA SER D 126 -11.69 -21.44 -9.64
C SER D 126 -12.04 -20.68 -8.38
N PHE D 127 -12.95 -19.74 -8.50
CA PHE D 127 -13.28 -18.87 -7.38
C PHE D 127 -13.69 -19.67 -6.12
N SER D 128 -14.24 -20.85 -6.34
CA SER D 128 -14.63 -21.76 -5.27
C SER D 128 -13.52 -22.13 -4.26
N ASP D 129 -12.29 -22.29 -4.77
CA ASP D 129 -11.14 -22.73 -3.98
C ASP D 129 -10.57 -21.68 -3.03
N ILE D 130 -10.95 -20.43 -3.24
CA ILE D 130 -10.38 -19.32 -2.51
C ILE D 130 -10.37 -19.55 -1.01
N GLY D 131 -11.47 -19.99 -0.45
CA GLY D 131 -11.55 -20.12 1.01
C GLY D 131 -10.45 -21.00 1.52
N SER D 132 -10.27 -22.14 0.85
CA SER D 132 -9.25 -23.10 1.26
C SER D 132 -7.85 -22.51 1.03
N LEU D 133 -7.66 -21.78 -0.06
CA LEU D 133 -6.35 -21.15 -0.30
C LEU D 133 -6.02 -20.04 0.71
N VAL D 134 -7.04 -19.36 1.20
CA VAL D 134 -6.78 -18.34 2.21
C VAL D 134 -6.39 -19.05 3.50
N ARG D 135 -6.94 -20.24 3.71
CA ARG D 135 -6.61 -21.03 4.89
C ARG D 135 -5.23 -21.66 4.77
N ALA D 136 -4.92 -22.21 3.61
CA ALA D 136 -3.64 -22.84 3.40
C ALA D 136 -2.52 -21.85 3.64
N HIS D 137 -2.69 -20.65 3.08
CA HIS D 137 -1.71 -19.59 3.23
C HIS D 137 -1.57 -19.17 4.67
N LYS D 138 -2.68 -19.14 5.41
CA LYS D 138 -2.64 -18.83 6.82
C LYS D 138 -1.82 -19.90 7.59
N HIS D 139 -1.98 -21.15 7.18
CA HIS D 139 -1.30 -22.25 7.82
C HIS D 139 0.18 -22.17 7.56
N LEU D 140 0.59 -21.69 6.39
CA LEU D 140 2.01 -21.48 6.10
C LEU D 140 2.66 -20.37 6.93
N GLU D 141 2.04 -19.20 7.01
CA GLU D 141 2.60 -18.14 7.84
C GLU D 141 2.89 -18.65 9.24
N THR D 142 1.95 -19.44 9.75
CA THR D 142 2.01 -19.90 11.12
C THR D 142 3.21 -20.79 11.30
N LEU D 143 3.27 -21.87 10.53
CA LEU D 143 4.40 -22.79 10.58
C LEU D 143 5.71 -22.05 10.57
N LEU D 144 5.85 -21.16 9.60
CA LEU D 144 7.06 -20.40 9.44
C LEU D 144 7.27 -19.51 10.64
N GLU D 145 6.25 -18.75 11.04
CA GLU D 145 6.39 -17.93 12.23
C GLU D 145 6.80 -18.75 13.45
N VAL D 146 6.17 -19.91 13.64
CA VAL D 146 6.46 -20.76 14.80
C VAL D 146 7.82 -21.42 14.66
N LEU D 147 7.99 -22.14 13.58
CA LEU D 147 9.25 -22.80 13.30
C LEU D 147 10.46 -21.84 13.35
N VAL D 148 10.27 -20.58 12.97
CA VAL D 148 11.34 -19.59 13.06
C VAL D 148 11.49 -19.14 14.50
N THR D 149 10.36 -18.83 15.11
CA THR D 149 10.33 -18.35 16.47
C THR D 149 11.14 -19.27 17.35
N LEU D 150 10.94 -20.58 17.22
CA LEU D 150 11.66 -21.50 18.10
C LEU D 150 13.13 -21.63 17.71
N SER D 151 13.44 -21.53 16.42
CA SER D 151 14.83 -21.60 15.97
C SER D 151 15.70 -20.45 16.49
N GLN D 152 15.14 -19.26 16.60
CA GLN D 152 15.90 -18.13 17.13
C GLN D 152 16.49 -18.46 18.51
N GLN D 153 15.68 -18.92 19.46
CA GLN D 153 16.27 -19.44 20.73
C GLN D 153 16.60 -20.94 20.63
N GLY D 154 16.07 -21.57 19.59
CA GLY D 154 16.29 -23.00 19.33
C GLY D 154 17.65 -23.46 18.81
N GLN D 155 18.74 -22.84 19.25
CA GLN D 155 20.04 -23.49 19.11
C GLN D 155 20.50 -23.50 17.63
N PRO D 156 21.80 -23.33 17.35
CA PRO D 156 22.37 -23.48 16.00
C PRO D 156 21.62 -24.43 15.04
N VAL D 157 20.58 -23.93 14.39
CA VAL D 157 19.73 -24.66 13.42
C VAL D 157 20.40 -25.62 12.41
N SER D 158 19.83 -26.81 12.26
CA SER D 158 20.38 -27.81 11.33
C SER D 158 20.14 -27.47 9.88
N SER D 159 20.82 -28.17 8.98
CA SER D 159 20.67 -27.95 7.55
C SER D 159 19.30 -28.34 7.01
N GLU D 160 18.68 -29.35 7.61
CA GLU D 160 17.38 -29.84 7.12
C GLU D 160 16.25 -28.89 7.48
N THR D 161 16.34 -28.35 8.69
CA THR D 161 15.41 -27.34 9.17
C THR D 161 15.49 -26.07 8.34
N TYR D 162 16.71 -25.60 8.10
CA TYR D 162 16.94 -24.52 7.15
C TYR D 162 16.36 -24.91 5.78
N GLY D 163 16.76 -26.05 5.26
CA GLY D 163 16.23 -26.53 3.99
C GLY D 163 14.71 -26.41 3.92
N PHE D 164 14.04 -26.85 4.98
CA PHE D 164 12.59 -26.84 5.07
C PHE D 164 12.01 -25.41 5.18
N LEU D 165 12.60 -24.60 6.05
CA LEU D 165 12.20 -23.22 6.20
C LEU D 165 12.26 -22.42 4.90
N ASN D 166 13.28 -22.63 4.09
CA ASN D 166 13.36 -21.98 2.77
C ASN D 166 12.29 -22.50 1.82
N ARG D 167 11.87 -23.73 2.01
CA ARG D 167 10.84 -24.33 1.16
C ARG D 167 9.48 -23.71 1.50
N LEU D 168 9.21 -23.63 2.79
CA LEU D 168 8.12 -22.79 3.31
C LEU D 168 8.10 -21.38 2.72
N ALA D 169 9.20 -20.65 2.90
CA ALA D 169 9.36 -19.30 2.35
C ALA D 169 8.93 -19.23 0.89
N GLU D 170 9.52 -20.06 0.04
CA GLU D 170 9.14 -20.11 -1.37
C GLU D 170 7.64 -20.39 -1.61
N ALA D 171 7.06 -21.27 -0.79
CA ALA D 171 5.69 -21.72 -0.98
C ALA D 171 4.72 -20.61 -0.58
N LYS D 172 4.96 -20.02 0.59
CA LYS D 172 4.17 -18.91 1.05
C LYS D 172 4.07 -17.91 -0.07
N ILE D 173 5.21 -17.47 -0.58
CA ILE D 173 5.21 -16.40 -1.56
C ILE D 173 4.59 -16.82 -2.90
N THR D 174 4.74 -18.06 -3.36
CA THR D 174 4.08 -18.48 -4.62
C THR D 174 2.56 -18.53 -4.38
N LEU D 175 2.19 -18.92 -3.17
CA LEU D 175 0.81 -19.07 -2.80
C LEU D 175 0.14 -17.71 -2.76
N SER D 176 0.84 -16.72 -2.24
CA SER D 176 0.33 -15.36 -2.32
C SER D 176 0.18 -14.89 -3.75
N GLN D 177 1.11 -15.23 -4.63
CA GLN D 177 1.01 -14.74 -6.00
C GLN D 177 -0.27 -15.26 -6.62
N GLN D 178 -0.59 -16.52 -6.33
CA GLN D 178 -1.70 -17.19 -6.97
C GLN D 178 -3.03 -16.71 -6.40
N LEU D 179 -3.09 -16.51 -5.09
CA LEU D 179 -4.29 -15.99 -4.42
C LEU D 179 -4.62 -14.56 -4.86
N ASN D 180 -3.59 -13.78 -5.13
CA ASN D 180 -3.79 -12.43 -5.59
C ASN D 180 -4.24 -12.34 -7.04
N THR D 181 -3.82 -13.27 -7.86
CA THR D 181 -4.33 -13.28 -9.20
C THR D 181 -5.82 -13.65 -9.15
N LEU D 182 -6.14 -14.62 -8.29
CA LEU D 182 -7.49 -15.15 -8.17
C LEU D 182 -8.47 -14.10 -7.65
N GLN D 183 -8.10 -13.49 -6.54
CA GLN D 183 -8.92 -12.47 -5.92
C GLN D 183 -9.15 -11.29 -6.86
N GLN D 184 -8.10 -10.86 -7.57
CA GLN D 184 -8.26 -9.80 -8.57
C GLN D 184 -9.24 -10.24 -9.62
N GLN D 185 -9.13 -11.50 -10.04
CA GLN D 185 -10.02 -12.06 -11.04
C GLN D 185 -11.44 -12.06 -10.53
N GLN D 186 -11.64 -12.35 -9.23
CA GLN D 186 -12.98 -12.38 -8.69
C GLN D 186 -13.59 -10.99 -8.64
N GLU D 187 -12.79 -9.98 -8.33
CA GLU D 187 -13.30 -8.61 -8.32
C GLU D 187 -13.69 -8.16 -9.70
N SER D 188 -12.98 -8.63 -10.72
CA SER D 188 -13.37 -8.36 -12.08
C SER D 188 -14.71 -9.02 -12.38
N ALA D 189 -14.87 -10.26 -11.95
CA ALA D 189 -16.13 -10.95 -12.10
C ALA D 189 -17.25 -10.24 -11.34
N LYS D 190 -17.00 -9.83 -10.10
CA LYS D 190 -17.97 -9.08 -9.31
C LYS D 190 -18.57 -7.88 -10.05
N ALA D 191 -17.73 -7.18 -10.79
CA ALA D 191 -18.09 -5.92 -11.42
C ALA D 191 -18.77 -6.12 -12.76
N GLN D 192 -18.37 -7.15 -13.52
CA GLN D 192 -19.10 -7.49 -14.74
C GLN D 192 -20.50 -7.87 -14.31
N LEU D 193 -20.58 -8.80 -13.36
CA LEU D 193 -21.81 -9.28 -12.77
C LEU D 193 -22.76 -8.17 -12.47
N SER D 194 -22.27 -7.09 -11.91
CA SER D 194 -23.15 -5.98 -11.52
C SER D 194 -23.64 -5.16 -12.67
N ILE D 195 -22.78 -5.00 -13.68
CA ILE D 195 -23.10 -4.17 -14.81
C ILE D 195 -24.19 -4.89 -15.55
N LEU D 196 -23.97 -6.17 -15.78
CA LEU D 196 -24.98 -7.02 -16.37
C LEU D 196 -26.32 -6.87 -15.69
N ILE D 197 -26.36 -7.06 -14.38
CA ILE D 197 -27.62 -6.90 -13.66
C ILE D 197 -28.17 -5.49 -13.87
N ASN D 198 -27.39 -4.47 -13.58
CA ASN D 198 -27.90 -3.13 -13.76
C ASN D 198 -28.41 -2.85 -15.18
N ARG D 199 -27.85 -3.50 -16.19
CA ARG D 199 -28.31 -3.28 -17.57
C ARG D 199 -29.68 -3.94 -17.81
N SER D 200 -29.82 -5.16 -17.32
CA SER D 200 -31.08 -5.91 -17.34
C SER D 200 -32.32 -5.14 -16.87
N GLY D 201 -32.21 -4.28 -15.89
CA GLY D 201 -33.39 -3.57 -15.36
C GLY D 201 -34.32 -2.91 -16.37
N SER D 202 -33.79 -2.50 -17.53
CA SER D 202 -34.59 -1.86 -18.55
C SER D 202 -35.58 -2.84 -19.21
N TRP D 203 -35.42 -4.14 -18.96
CA TRP D 203 -36.33 -5.14 -19.47
C TRP D 203 -36.78 -6.27 -18.54
N ALA D 204 -36.14 -6.48 -17.42
CA ALA D 204 -36.48 -7.59 -16.53
C ALA D 204 -37.95 -7.63 -16.17
N ASP D 205 -38.48 -6.47 -15.83
CA ASP D 205 -39.84 -6.34 -15.36
C ASP D 205 -40.86 -6.68 -16.45
N VAL D 206 -40.71 -6.07 -17.62
CA VAL D 206 -41.62 -6.34 -18.74
C VAL D 206 -41.54 -7.82 -19.15
N ALA D 207 -40.31 -8.28 -19.36
CA ALA D 207 -40.09 -9.66 -19.78
C ALA D 207 -40.58 -10.64 -18.75
N ARG D 208 -40.41 -10.31 -17.46
CA ARG D 208 -40.77 -11.31 -16.45
C ARG D 208 -42.27 -11.52 -16.49
N GLN D 209 -43.00 -10.41 -16.60
CA GLN D 209 -44.47 -10.41 -16.62
C GLN D 209 -45.08 -11.05 -17.87
N SER D 210 -44.70 -10.52 -19.03
CA SER D 210 -45.08 -11.14 -20.28
C SER D 210 -45.08 -12.63 -20.15
N LEU D 211 -44.00 -13.11 -19.58
CA LEU D 211 -43.69 -14.50 -19.60
C LEU D 211 -44.41 -15.24 -18.48
N GLN D 212 -44.59 -14.60 -17.34
CA GLN D 212 -45.46 -15.13 -16.29
C GLN D 212 -46.85 -15.35 -16.87
N ARG D 213 -47.41 -14.28 -17.44
CA ARG D 213 -48.68 -14.34 -18.13
C ARG D 213 -48.69 -15.40 -19.22
N PHE D 214 -47.64 -15.49 -20.00
CA PHE D 214 -47.62 -16.52 -21.03
C PHE D 214 -47.88 -17.87 -20.37
N ASP D 215 -47.19 -18.17 -19.27
CA ASP D 215 -47.37 -19.42 -18.52
C ASP D 215 -48.74 -19.52 -17.79
N SER D 216 -49.40 -18.40 -17.56
CA SER D 216 -50.74 -18.39 -16.93
C SER D 216 -51.72 -19.25 -17.68
N THR D 217 -52.03 -20.41 -17.10
CA THR D 217 -53.02 -21.41 -17.62
C THR D 217 -52.98 -21.69 -19.13
N ARG D 218 -51.99 -21.16 -19.83
CA ARG D 218 -51.88 -21.32 -21.25
C ARG D 218 -51.07 -22.60 -21.53
N THR D 229 -54.08 -31.20 -31.31
CA THR D 229 -54.91 -30.59 -32.35
C THR D 229 -54.33 -29.30 -32.92
N ALA D 230 -54.47 -29.17 -34.24
CA ALA D 230 -54.02 -27.97 -34.95
C ALA D 230 -54.45 -26.72 -34.30
N ILE D 231 -55.73 -26.60 -33.93
CA ILE D 231 -56.17 -25.34 -33.38
C ILE D 231 -55.61 -25.15 -31.95
N HIS D 232 -55.20 -26.21 -31.26
CA HIS D 232 -54.52 -25.99 -29.95
C HIS D 232 -53.17 -25.32 -30.21
N ARG D 233 -52.42 -25.83 -31.19
CA ARG D 233 -51.20 -25.17 -31.64
C ARG D 233 -51.45 -23.79 -32.17
N GLN D 234 -52.42 -23.68 -33.04
CA GLN D 234 -52.82 -22.36 -33.54
C GLN D 234 -53.06 -21.37 -32.45
N MET D 235 -53.64 -21.83 -31.36
CA MET D 235 -53.88 -20.97 -30.21
C MET D 235 -52.61 -20.63 -29.49
N MET D 236 -51.74 -21.64 -29.39
CA MET D 236 -50.55 -21.47 -28.62
C MET D 236 -49.64 -20.51 -29.34
N ALA D 237 -49.61 -20.61 -30.66
CA ALA D 237 -48.88 -19.69 -31.48
C ALA D 237 -49.39 -18.29 -31.29
N ALA D 238 -50.68 -18.10 -31.01
CA ALA D 238 -51.14 -16.74 -30.75
C ALA D 238 -50.72 -16.23 -29.42
N HIS D 239 -50.72 -17.06 -28.39
CA HIS D 239 -50.26 -16.55 -27.07
C HIS D 239 -48.79 -16.16 -27.19
N ALA D 240 -48.01 -16.95 -27.90
CA ALA D 240 -46.63 -16.64 -28.17
C ALA D 240 -46.41 -15.27 -28.80
N ALA D 241 -47.02 -15.05 -29.95
CA ALA D 241 -46.90 -13.79 -30.70
C ALA D 241 -47.21 -12.60 -29.88
N ILE D 242 -48.22 -12.72 -29.02
CA ILE D 242 -48.60 -11.65 -28.10
C ILE D 242 -47.44 -11.31 -27.19
N THR D 243 -46.91 -12.37 -26.60
CA THR D 243 -45.78 -12.29 -25.73
C THR D 243 -44.58 -11.62 -26.39
N LEU D 244 -44.18 -12.09 -27.57
CA LEU D 244 -43.08 -11.47 -28.27
C LEU D 244 -43.33 -10.03 -28.50
N GLN D 245 -44.55 -9.71 -28.90
CA GLN D 245 -44.87 -8.32 -29.20
C GLN D 245 -44.62 -7.41 -28.03
N GLU D 246 -45.02 -7.85 -26.83
CA GLU D 246 -44.81 -7.05 -25.62
C GLU D 246 -43.33 -6.81 -25.24
N VAL D 247 -42.47 -7.70 -25.70
CA VAL D 247 -41.05 -7.64 -25.40
C VAL D 247 -40.22 -7.40 -26.67
N SER D 248 -40.85 -6.93 -27.76
CA SER D 248 -40.16 -6.82 -29.07
C SER D 248 -39.14 -5.67 -29.10
N GLU D 249 -39.36 -4.65 -28.30
CA GLU D 249 -38.35 -3.59 -28.12
C GLU D 249 -36.98 -4.16 -27.74
N PHE D 250 -37.01 -5.25 -26.96
CA PHE D 250 -35.89 -5.68 -26.16
C PHE D 250 -35.31 -6.96 -26.65
N THR D 251 -35.76 -7.50 -27.77
CA THR D 251 -35.24 -8.81 -28.12
C THR D 251 -33.77 -8.66 -28.44
N ASP D 252 -33.38 -7.54 -29.02
CA ASP D 252 -31.99 -7.32 -29.34
C ASP D 252 -31.16 -7.42 -28.06
N ASP D 253 -31.50 -6.55 -27.10
CA ASP D 253 -30.86 -6.53 -25.80
C ASP D 253 -30.85 -7.87 -25.09
N MET D 254 -31.94 -8.62 -25.15
CA MET D 254 -32.04 -9.88 -24.42
C MET D 254 -31.13 -10.93 -24.99
N ARG D 255 -30.94 -10.88 -26.29
CA ARG D 255 -30.08 -11.83 -26.98
C ARG D 255 -28.60 -11.48 -26.67
N ASN D 256 -28.28 -10.19 -26.65
CA ASN D 256 -26.92 -9.81 -26.32
C ASN D 256 -26.60 -10.20 -24.89
N PHE D 257 -27.59 -10.09 -24.01
CA PHE D 257 -27.39 -10.29 -22.57
C PHE D 257 -26.86 -11.66 -22.30
N THR D 258 -27.41 -12.67 -22.99
CA THR D 258 -27.02 -14.04 -22.75
C THR D 258 -25.66 -14.34 -23.33
N VAL D 259 -25.21 -13.54 -24.29
CA VAL D 259 -23.91 -13.78 -24.84
C VAL D 259 -22.83 -13.48 -23.77
N ASP D 260 -23.18 -12.66 -22.79
CA ASP D 260 -22.30 -12.28 -21.74
C ASP D 260 -22.58 -12.99 -20.43
N SER D 261 -23.82 -13.36 -20.20
CA SER D 261 -24.18 -13.92 -18.92
C SER D 261 -23.91 -15.40 -18.85
N ILE D 262 -23.86 -16.09 -19.98
CA ILE D 262 -23.59 -17.54 -19.97
C ILE D 262 -22.17 -17.87 -19.44
N PRO D 263 -21.09 -17.33 -20.09
CA PRO D 263 -19.72 -17.60 -19.63
C PRO D 263 -19.51 -17.15 -18.19
N LEU D 264 -20.13 -16.04 -17.81
CA LEU D 264 -19.93 -15.55 -16.47
C LEU D 264 -20.51 -16.55 -15.52
N LEU D 265 -21.73 -17.04 -15.74
CA LEU D 265 -22.28 -18.02 -14.81
C LEU D 265 -21.43 -19.28 -14.73
N ILE D 266 -20.79 -19.63 -15.84
CA ILE D 266 -19.94 -20.77 -15.86
C ILE D 266 -18.75 -20.46 -14.98
N GLN D 267 -18.18 -19.27 -15.08
CA GLN D 267 -17.02 -18.93 -14.24
C GLN D 267 -17.36 -19.01 -12.79
N LEU D 268 -18.46 -18.38 -12.42
CA LEU D 268 -18.92 -18.33 -11.07
C LEU D 268 -19.42 -19.65 -10.51
N GLY D 269 -19.68 -20.67 -11.32
CA GLY D 269 -20.15 -21.94 -10.80
C GLY D 269 -21.43 -21.99 -9.98
N ARG D 270 -21.65 -23.10 -9.31
CA ARG D 270 -22.81 -23.27 -8.42
C ARG D 270 -22.46 -23.37 -6.93
N SER D 271 -21.17 -23.42 -6.60
CA SER D 271 -20.76 -23.48 -5.20
C SER D 271 -21.39 -22.36 -4.38
N SER D 272 -21.71 -22.62 -3.12
CA SER D 272 -22.24 -21.60 -2.22
C SER D 272 -21.12 -21.06 -1.32
N LEU D 273 -20.13 -20.41 -1.94
CA LEU D 273 -19.01 -19.84 -1.22
C LEU D 273 -18.52 -18.59 -1.94
N ASP D 275 -18.58 -15.21 -1.05
CA ASP D 275 -19.32 -14.37 -0.14
C ASP D 275 -20.77 -14.30 -0.58
N GLU D 276 -21.63 -13.87 0.34
CA GLU D 276 -23.07 -13.94 0.22
C GLU D 276 -23.64 -13.02 -0.88
N HIS D 277 -23.07 -11.82 -1.04
CA HIS D 277 -23.61 -10.85 -2.00
C HIS D 277 -23.28 -11.28 -3.41
N LEU D 278 -22.13 -11.92 -3.58
CA LEU D 278 -21.78 -12.49 -4.85
C LEU D 278 -22.72 -13.62 -5.18
N VAL D 279 -23.15 -14.41 -4.20
CA VAL D 279 -24.03 -15.54 -4.50
C VAL D 279 -25.46 -15.06 -4.77
N GLU D 280 -25.90 -14.02 -4.08
CA GLU D 280 -27.20 -13.46 -4.35
C GLU D 280 -27.27 -12.93 -5.78
N GLN D 281 -26.28 -12.10 -6.13
CA GLN D 281 -26.18 -11.53 -7.47
C GLN D 281 -26.14 -12.56 -8.57
N ARG D 282 -25.42 -13.62 -8.31
CA ARG D 282 -25.22 -14.67 -9.26
C ARG D 282 -26.54 -15.31 -9.55
N GLU D 283 -27.36 -15.48 -8.52
CA GLU D 283 -28.54 -16.25 -8.71
C GLU D 283 -29.62 -15.39 -9.36
N LYS D 284 -29.57 -14.09 -9.09
CA LYS D 284 -30.35 -13.11 -9.83
C LYS D 284 -29.93 -13.20 -11.30
N LEU D 285 -28.64 -13.23 -11.62
CA LEU D 285 -28.24 -13.32 -13.02
C LEU D 285 -28.71 -14.58 -13.68
N ARG D 286 -28.80 -15.66 -12.91
CA ARG D 286 -29.26 -16.91 -13.49
C ARG D 286 -30.76 -16.86 -13.78
N GLU D 287 -31.54 -16.19 -12.94
CA GLU D 287 -32.97 -16.10 -13.16
C GLU D 287 -33.16 -15.29 -14.43
N LEU D 288 -32.55 -14.11 -14.49
CA LEU D 288 -32.59 -13.27 -15.68
C LEU D 288 -32.19 -13.98 -16.95
N THR D 289 -31.21 -14.87 -16.87
CA THR D 289 -30.71 -15.54 -18.06
C THR D 289 -31.77 -16.52 -18.57
N THR D 290 -32.44 -17.21 -17.67
CA THR D 290 -33.51 -18.09 -18.09
C THR D 290 -34.71 -17.31 -18.71
N ILE D 291 -35.03 -16.12 -18.18
CA ILE D 291 -36.02 -15.27 -18.81
C ILE D 291 -35.53 -14.92 -20.21
N ALA D 292 -34.35 -14.36 -20.31
CA ALA D 292 -33.78 -14.06 -21.61
C ALA D 292 -33.91 -15.23 -22.53
N GLU D 293 -33.48 -16.41 -22.10
CA GLU D 293 -33.29 -17.55 -22.99
C GLU D 293 -34.62 -18.15 -23.44
N ARG D 294 -35.59 -18.16 -22.55
CA ARG D 294 -36.90 -18.64 -22.88
C ARG D 294 -37.44 -17.79 -23.98
N LEU D 295 -37.39 -16.48 -23.81
CA LEU D 295 -37.86 -15.58 -24.84
C LEU D 295 -37.05 -15.69 -26.13
N ASN D 296 -35.75 -15.89 -26.08
CA ASN D 296 -35.04 -15.96 -27.35
C ASN D 296 -35.50 -17.15 -28.16
N ARG D 297 -36.17 -18.10 -27.55
CA ARG D 297 -36.53 -19.30 -28.30
C ARG D 297 -38.03 -19.65 -28.34
N LEU D 298 -38.88 -18.71 -27.91
CA LEU D 298 -40.35 -18.83 -28.00
C LEU D 298 -40.91 -19.12 -29.37
N GLU D 299 -40.44 -18.39 -30.37
CA GLU D 299 -40.94 -18.50 -31.72
C GLU D 299 -40.71 -19.92 -32.13
N ARG D 300 -39.45 -20.35 -32.09
CA ARG D 300 -39.15 -21.70 -32.52
C ARG D 300 -39.92 -22.70 -31.73
N GLU D 301 -40.02 -22.48 -30.44
CA GLU D 301 -40.68 -23.47 -29.57
C GLU D 301 -42.21 -23.62 -29.79
N TRP D 302 -42.91 -22.50 -30.10
CA TRP D 302 -44.37 -22.42 -30.11
C TRP D 302 -45.11 -21.83 -31.35
N MET D 303 -44.51 -20.89 -32.09
CA MET D 303 -44.97 -20.62 -33.46
C MET D 303 -44.85 -21.91 -34.19
#